data_3IFQ
#
_entry.id   3IFQ
#
_cell.length_a   76.043
_cell.length_b   76.150
_cell.length_c   122.940
_cell.angle_alpha   90.00
_cell.angle_beta   97.15
_cell.angle_gamma   90.00
#
_symmetry.space_group_name_H-M   'P 1 21 1'
#
loop_
_entity.id
_entity.type
_entity.pdbx_description
1 polymer plakoglobin
2 polymer E-cadherin
3 non-polymer 'SULFATE ION'
#
loop_
_entity_poly.entity_id
_entity_poly.type
_entity_poly.pdbx_seq_one_letter_code
_entity_poly.pdbx_strand_id
1 'polypeptide(L)'
;KSAIVHLINYQDDAELATRALPELTKLLNDEDPVVVTKAAMIVNQLSKKEASRRALMGSPQLVAAVVRTMQNTSDLDTAR
CTTSILHNLSHHREGLLAIFKSGGIPALVRMLSSPVESVLFYAITTLHNLLLYQEGAKMAVRLADGLQKMVPLLNKNNPK
FLAITTDCLQLLAYGNQESKLIILANGGPQALVQIMRNYSYEKLLWTTSRVLKVLSVCPSNKPAIVEAGGMQALGKHLTS
NSPRLVQNCLWTLRNLSDVATKQEGLESVLKILVNQLSVDDVNVLTCATGTLSNLTCNNSKNKTLVTQNSGVEALIHAIL
RAGDKDDITEPAVCALRHLTSRHPEAEMAQNSVRLNYGIPAIVKLLNQPNQWPLVKATIGLIRNLALCPANHAPLQEAAV
IPRLVQLLVKAHQDAQRHVAAGTQQPYTDGVRMEEIVEGCTGALHILARDPMNRMEIFRLNTIPLFVQLLYSSVENIQRV
AAGVLCELAQDKEAADAIDAEGASAPLMELLHSRNEGTATYAAAVLFRISEDKNPDYRKRVSVELTNSLFKHD
;
A,B
2 'polypeptide(L)'
;LDARPEVTRNDVAPTLMSVPQYRPRPANPDEIGNFIDENLKAADSDPTAPPYDSLLVFDYEG(SEP)G(SEP)EAASL
(SEP)SLNSSESDQDQDYDYLNEWGNRFKKLADMYGGGEDD
;
C,D
#
# COMPACT_ATOMS: atom_id res chain seq x y z
N ALA A 3 25.82 32.20 -14.28
CA ALA A 3 24.56 32.29 -13.56
C ALA A 3 24.49 33.58 -12.75
N ILE A 4 25.58 33.90 -12.06
CA ILE A 4 25.64 35.10 -11.24
C ILE A 4 25.30 36.34 -12.08
N VAL A 5 25.66 36.30 -13.36
CA VAL A 5 25.43 37.42 -14.25
C VAL A 5 23.94 37.68 -14.41
N HIS A 6 23.16 36.60 -14.46
CA HIS A 6 21.72 36.70 -14.67
C HIS A 6 20.99 37.15 -13.42
N LEU A 7 21.56 36.84 -12.26
CA LEU A 7 20.98 37.20 -10.98
C LEU A 7 21.20 38.69 -10.69
N ILE A 8 22.36 39.19 -11.08
CA ILE A 8 22.64 40.62 -10.97
C ILE A 8 21.63 41.41 -11.79
N ASN A 9 21.42 40.99 -13.03
CA ASN A 9 20.54 41.70 -13.95
C ASN A 9 19.12 41.14 -13.98
N TYR A 10 18.82 40.29 -13.01
CA TYR A 10 17.51 39.64 -12.92
C TYR A 10 16.39 40.68 -12.92
N GLN A 11 16.58 41.74 -12.15
CA GLN A 11 15.58 42.79 -12.06
C GLN A 11 15.44 43.55 -13.38
N ASP A 12 16.55 43.74 -14.08
CA ASP A 12 16.55 44.47 -15.35
C ASP A 12 16.00 43.61 -16.49
N ASP A 13 16.32 42.31 -16.45
CA ASP A 13 15.88 41.39 -17.47
C ASP A 13 14.38 41.15 -17.38
N ALA A 14 13.87 41.09 -16.16
CA ALA A 14 12.44 40.90 -15.94
C ALA A 14 11.65 42.13 -16.35
N GLU A 15 12.17 43.31 -16.03
CA GLU A 15 11.52 44.56 -16.36
C GLU A 15 11.57 44.80 -17.87
N LEU A 16 12.71 44.51 -18.48
CA LEU A 16 12.88 44.72 -19.92
C LEU A 16 12.00 43.78 -20.73
N ALA A 17 11.82 42.55 -20.25
CA ALA A 17 10.95 41.59 -20.91
C ALA A 17 9.51 42.07 -20.92
N THR A 18 9.06 42.53 -19.76
CA THR A 18 7.69 43.02 -19.64
C THR A 18 7.52 44.30 -20.44
N ARG A 19 8.56 45.12 -20.49
CA ARG A 19 8.54 46.33 -21.30
C ARG A 19 8.46 45.96 -22.78
N ALA A 20 8.93 44.77 -23.10
CA ALA A 20 9.01 44.32 -24.50
C ALA A 20 7.82 43.48 -24.92
N LEU A 21 6.90 43.22 -23.99
CA LEU A 21 5.74 42.39 -24.27
C LEU A 21 4.84 42.91 -25.40
N PRO A 22 4.50 44.20 -25.38
CA PRO A 22 3.62 44.79 -26.40
C PRO A 22 4.16 44.64 -27.83
N GLU A 23 5.44 44.87 -28.02
CA GLU A 23 6.05 44.74 -29.35
C GLU A 23 6.18 43.28 -29.77
N LEU A 24 6.54 42.43 -28.81
CA LEU A 24 6.70 41.01 -29.07
C LEU A 24 5.41 40.38 -29.55
N THR A 25 4.32 40.68 -28.86
CA THR A 25 3.01 40.12 -29.20
C THR A 25 2.52 40.62 -30.55
N LYS A 26 2.48 41.94 -30.73
CA LYS A 26 2.07 42.53 -32.00
C LYS A 26 2.83 41.88 -33.15
N LEU A 27 4.15 41.80 -33.01
CA LEU A 27 4.99 41.20 -34.04
C LEU A 27 4.60 39.74 -34.33
N LEU A 28 4.28 38.99 -33.27
CA LEU A 28 3.83 37.61 -33.45
C LEU A 28 2.52 37.55 -34.23
N ASN A 29 1.64 38.52 -33.99
CA ASN A 29 0.36 38.58 -34.66
C ASN A 29 0.44 39.24 -36.04
N ASP A 30 1.66 39.54 -36.49
CA ASP A 30 1.85 40.16 -37.79
C ASP A 30 1.29 39.27 -38.90
N GLU A 31 0.75 39.89 -39.94
CA GLU A 31 0.17 39.16 -41.05
C GLU A 31 1.24 38.65 -42.01
N ASP A 32 2.48 39.06 -41.76
CA ASP A 32 3.61 38.64 -42.58
C ASP A 32 4.38 37.52 -41.87
N PRO A 33 4.29 36.30 -42.43
CA PRO A 33 4.95 35.10 -41.89
C PRO A 33 6.44 35.29 -41.70
N VAL A 34 7.02 36.26 -42.41
CA VAL A 34 8.44 36.56 -42.28
C VAL A 34 8.71 37.31 -40.98
N VAL A 35 7.82 38.24 -40.66
CA VAL A 35 7.94 39.02 -39.43
C VAL A 35 7.56 38.17 -38.22
N VAL A 36 6.56 37.33 -38.40
CA VAL A 36 6.11 36.45 -37.33
C VAL A 36 7.25 35.51 -36.91
N THR A 37 7.81 34.80 -37.87
CA THR A 37 8.90 33.87 -37.60
C THR A 37 10.07 34.57 -36.90
N LYS A 38 10.39 35.78 -37.36
CA LYS A 38 11.48 36.56 -36.76
C LYS A 38 11.21 36.84 -35.28
N ALA A 39 9.95 37.05 -34.95
CA ALA A 39 9.55 37.38 -33.58
C ALA A 39 9.62 36.14 -32.68
N ALA A 40 9.26 34.99 -33.23
CA ALA A 40 9.32 33.74 -32.49
C ALA A 40 10.74 33.44 -32.01
N MET A 41 11.72 33.97 -32.72
CA MET A 41 13.13 33.75 -32.37
C MET A 41 13.51 34.60 -31.17
N ILE A 42 13.11 35.87 -31.20
CA ILE A 42 13.39 36.79 -30.10
C ILE A 42 12.69 36.30 -28.84
N VAL A 43 11.47 35.79 -29.00
CA VAL A 43 10.72 35.26 -27.87
C VAL A 43 11.39 33.99 -27.34
N ASN A 44 11.82 33.13 -28.25
CA ASN A 44 12.56 31.93 -27.90
C ASN A 44 13.83 32.26 -27.11
N GLN A 45 14.59 33.24 -27.59
CA GLN A 45 15.84 33.64 -26.96
C GLN A 45 15.59 34.19 -25.55
N LEU A 46 14.45 34.85 -25.36
CA LEU A 46 14.08 35.38 -24.06
C LEU A 46 13.64 34.27 -23.11
N SER A 47 12.96 33.26 -23.63
CA SER A 47 12.46 32.16 -22.83
C SER A 47 13.58 31.30 -22.23
N LYS A 48 14.81 31.53 -22.68
CA LYS A 48 15.95 30.75 -22.18
C LYS A 48 16.56 31.33 -20.90
N LYS A 49 15.84 32.25 -20.26
CA LYS A 49 16.26 32.88 -19.00
C LYS A 49 15.10 32.97 -18.02
N GLU A 50 15.38 32.76 -16.73
CA GLU A 50 14.34 32.83 -15.71
C GLU A 50 13.67 34.19 -15.62
N ALA A 51 14.48 35.24 -15.55
CA ALA A 51 13.96 36.60 -15.40
C ALA A 51 13.06 36.97 -16.57
N SER A 52 13.28 36.35 -17.71
CA SER A 52 12.51 36.66 -18.91
C SER A 52 11.31 35.72 -19.10
N ARG A 53 11.52 34.43 -18.83
CA ARG A 53 10.44 33.45 -18.90
C ARG A 53 9.24 33.87 -18.08
N ARG A 54 9.49 34.20 -16.82
CA ARG A 54 8.42 34.54 -15.90
C ARG A 54 7.60 35.69 -16.46
N ALA A 55 8.28 36.63 -17.11
CA ALA A 55 7.62 37.78 -17.70
C ALA A 55 6.78 37.37 -18.92
N LEU A 56 7.27 36.39 -19.66
CA LEU A 56 6.55 35.90 -20.83
C LEU A 56 5.34 35.05 -20.45
N MET A 57 5.58 34.03 -19.64
CA MET A 57 4.52 33.11 -19.24
C MET A 57 3.45 33.83 -18.43
N GLY A 58 3.76 35.05 -18.02
CA GLY A 58 2.82 35.87 -17.28
C GLY A 58 1.86 36.60 -18.19
N SER A 59 2.21 36.71 -19.47
CA SER A 59 1.35 37.36 -20.45
C SER A 59 0.58 36.34 -21.28
N PRO A 60 -0.70 36.12 -20.93
CA PRO A 60 -1.54 35.14 -21.62
C PRO A 60 -1.66 35.45 -23.11
N GLN A 61 -1.69 36.73 -23.47
CA GLN A 61 -1.79 37.12 -24.87
C GLN A 61 -0.59 36.67 -25.68
N LEU A 62 0.59 36.70 -25.06
CA LEU A 62 1.79 36.26 -25.74
C LEU A 62 1.83 34.75 -25.90
N VAL A 63 1.54 34.03 -24.82
CA VAL A 63 1.52 32.58 -24.85
C VAL A 63 0.55 32.06 -25.90
N ALA A 64 -0.63 32.67 -25.97
CA ALA A 64 -1.63 32.33 -26.97
C ALA A 64 -1.14 32.62 -28.38
N ALA A 65 -0.42 33.72 -28.55
CA ALA A 65 0.15 34.06 -29.85
C ALA A 65 1.19 33.03 -30.26
N VAL A 66 1.94 32.53 -29.27
CA VAL A 66 2.92 31.48 -29.51
C VAL A 66 2.23 30.18 -29.90
N VAL A 67 1.15 29.86 -29.20
CA VAL A 67 0.40 28.64 -29.50
C VAL A 67 -0.26 28.72 -30.87
N ARG A 68 -0.95 29.82 -31.15
CA ARG A 68 -1.57 30.03 -32.46
C ARG A 68 -0.54 29.82 -33.57
N THR A 69 0.62 30.44 -33.40
CA THR A 69 1.69 30.31 -34.38
C THR A 69 2.05 28.84 -34.55
N MET A 70 2.30 28.17 -33.44
CA MET A 70 2.75 26.78 -33.48
C MET A 70 1.90 25.89 -34.37
N GLN A 71 0.58 26.02 -34.28
CA GLN A 71 -0.26 25.10 -35.02
C GLN A 71 -0.89 25.71 -36.27
N ASN A 72 -0.39 26.86 -36.68
CA ASN A 72 -0.78 27.46 -37.94
C ASN A 72 0.41 27.50 -38.88
N THR A 73 1.60 27.62 -38.31
CA THR A 73 2.82 27.71 -39.10
C THR A 73 3.09 26.40 -39.82
N SER A 74 3.79 26.50 -40.94
CA SER A 74 4.19 25.29 -41.67
C SER A 74 5.69 25.35 -41.94
N ASP A 75 6.31 26.47 -41.54
CA ASP A 75 7.74 26.65 -41.66
C ASP A 75 8.46 25.99 -40.50
N LEU A 76 9.62 25.39 -40.78
CA LEU A 76 10.35 24.66 -39.76
C LEU A 76 10.99 25.58 -38.72
N ASP A 77 11.70 26.61 -39.18
CA ASP A 77 12.43 27.49 -38.28
C ASP A 77 11.54 28.14 -37.22
N THR A 78 10.30 28.47 -37.60
CA THR A 78 9.35 29.01 -36.64
C THR A 78 8.77 27.90 -35.75
N ALA A 79 8.65 26.70 -36.30
CA ALA A 79 8.17 25.55 -35.54
C ALA A 79 9.17 25.17 -34.45
N ARG A 80 10.46 25.22 -34.78
CA ARG A 80 11.49 24.98 -33.79
C ARG A 80 11.37 25.99 -32.65
N CYS A 81 11.18 27.25 -33.02
CA CYS A 81 11.16 28.32 -32.03
C CYS A 81 9.98 28.22 -31.07
N THR A 82 8.77 28.07 -31.62
CA THR A 82 7.59 27.99 -30.79
C THR A 82 7.61 26.75 -29.91
N THR A 83 7.98 25.63 -30.52
CA THR A 83 8.09 24.37 -29.80
C THR A 83 9.11 24.51 -28.65
N SER A 84 10.11 25.34 -28.88
CA SER A 84 11.13 25.62 -27.86
C SER A 84 10.56 26.46 -26.73
N ILE A 85 9.86 27.53 -27.08
CA ILE A 85 9.25 28.43 -26.11
C ILE A 85 8.38 27.69 -25.10
N LEU A 86 7.44 26.89 -25.61
CA LEU A 86 6.54 26.11 -24.75
C LEU A 86 7.30 25.14 -23.88
N HIS A 87 8.37 24.58 -24.42
CA HIS A 87 9.21 23.66 -23.67
C HIS A 87 9.81 24.36 -22.46
N ASN A 88 10.24 25.61 -22.66
CA ASN A 88 10.82 26.38 -21.58
C ASN A 88 9.79 26.81 -20.55
N LEU A 89 8.58 27.09 -21.02
CA LEU A 89 7.50 27.52 -20.15
C LEU A 89 6.90 26.36 -19.38
N SER A 90 7.04 25.15 -19.91
CA SER A 90 6.40 23.99 -19.31
C SER A 90 7.15 23.53 -18.05
N HIS A 91 8.27 24.20 -17.77
CA HIS A 91 9.04 23.93 -16.56
C HIS A 91 8.48 24.69 -15.35
N HIS A 92 7.39 25.43 -15.56
CA HIS A 92 6.75 26.19 -14.50
C HIS A 92 5.24 25.97 -14.44
N ARG A 93 4.70 25.92 -13.24
CA ARG A 93 3.25 25.77 -13.06
C ARG A 93 2.49 26.79 -13.91
N GLU A 94 2.83 28.07 -13.72
CA GLU A 94 2.17 29.14 -14.47
C GLU A 94 2.35 28.99 -15.97
N GLY A 95 3.46 28.37 -16.37
CA GLY A 95 3.71 28.11 -17.78
C GLY A 95 2.80 27.01 -18.29
N LEU A 96 2.81 25.87 -17.59
CA LEU A 96 1.98 24.73 -17.97
C LEU A 96 0.52 25.13 -18.14
N LEU A 97 0.01 25.87 -17.16
CA LEU A 97 -1.38 26.31 -17.16
C LEU A 97 -1.69 27.16 -18.39
N ALA A 98 -0.86 28.17 -18.63
CA ALA A 98 -1.02 29.04 -19.78
C ALA A 98 -1.06 28.24 -21.08
N ILE A 99 -0.15 27.28 -21.21
CA ILE A 99 -0.13 26.41 -22.38
C ILE A 99 -1.44 25.65 -22.45
N PHE A 100 -1.77 24.99 -21.36
CA PHE A 100 -2.97 24.16 -21.28
C PHE A 100 -4.22 24.92 -21.69
N LYS A 101 -4.35 26.16 -21.22
CA LYS A 101 -5.56 26.94 -21.46
C LYS A 101 -5.47 27.84 -22.68
N SER A 102 -4.36 27.76 -23.42
CA SER A 102 -4.21 28.48 -24.68
C SER A 102 -4.36 27.51 -25.84
N GLY A 103 -4.71 26.27 -25.53
CA GLY A 103 -4.86 25.25 -26.55
C GLY A 103 -3.51 24.74 -27.04
N GLY A 104 -2.56 24.63 -26.13
CA GLY A 104 -1.22 24.17 -26.46
C GLY A 104 -1.15 22.70 -26.79
N ILE A 105 -1.90 21.89 -26.05
CA ILE A 105 -1.89 20.45 -26.26
C ILE A 105 -2.17 20.07 -27.72
N PRO A 106 -3.24 20.61 -28.31
CA PRO A 106 -3.50 20.32 -29.72
C PRO A 106 -2.33 20.70 -30.62
N ALA A 107 -1.86 21.94 -30.50
CA ALA A 107 -0.73 22.39 -31.28
C ALA A 107 0.50 21.49 -31.10
N LEU A 108 0.80 21.15 -29.86
CA LEU A 108 1.92 20.27 -29.56
C LEU A 108 1.76 18.91 -30.23
N VAL A 109 0.55 18.37 -30.17
CA VAL A 109 0.27 17.08 -30.80
C VAL A 109 0.51 17.16 -32.31
N ARG A 110 0.12 18.27 -32.91
CA ARG A 110 0.33 18.50 -34.33
C ARG A 110 1.82 18.45 -34.70
N MET A 111 2.67 18.90 -33.78
CA MET A 111 4.12 18.90 -34.03
C MET A 111 4.75 17.51 -33.89
N LEU A 112 3.97 16.54 -33.40
CA LEU A 112 4.47 15.18 -33.25
C LEU A 112 4.55 14.46 -34.59
N SER A 113 4.08 15.13 -35.64
CA SER A 113 4.12 14.54 -36.98
C SER A 113 5.43 14.88 -37.68
N SER A 114 6.15 15.86 -37.16
CA SER A 114 7.41 16.25 -37.76
C SER A 114 8.45 15.14 -37.64
N PRO A 115 9.28 14.98 -38.67
CA PRO A 115 10.39 14.02 -38.61
C PRO A 115 11.57 14.67 -37.89
N VAL A 116 11.49 15.98 -37.70
CA VAL A 116 12.62 16.74 -37.17
C VAL A 116 12.84 16.48 -35.69
N GLU A 117 14.09 16.21 -35.34
CA GLU A 117 14.47 15.88 -33.98
C GLU A 117 14.12 17.00 -33.01
N SER A 118 14.70 18.18 -33.22
CA SER A 118 14.46 19.30 -32.31
C SER A 118 12.97 19.47 -32.02
N VAL A 119 12.19 19.67 -33.08
CA VAL A 119 10.75 19.83 -32.94
C VAL A 119 10.15 18.69 -32.12
N LEU A 120 10.43 17.47 -32.54
CA LEU A 120 9.88 16.28 -31.92
C LEU A 120 10.23 16.24 -30.43
N PHE A 121 11.48 16.59 -30.13
CA PHE A 121 11.97 16.58 -28.76
C PHE A 121 11.24 17.58 -27.87
N TYR A 122 11.25 18.85 -28.26
CA TYR A 122 10.56 19.87 -27.48
C TYR A 122 9.09 19.50 -27.23
N ALA A 123 8.35 19.27 -28.31
CA ALA A 123 6.93 18.96 -28.19
C ALA A 123 6.64 17.76 -27.30
N ILE A 124 7.52 16.77 -27.31
CA ILE A 124 7.25 15.55 -26.57
C ILE A 124 7.43 15.72 -25.06
N THR A 125 8.44 16.48 -24.65
CA THR A 125 8.67 16.68 -23.23
C THR A 125 7.67 17.70 -22.66
N THR A 126 7.26 18.65 -23.49
CA THR A 126 6.24 19.60 -23.06
C THR A 126 4.96 18.87 -22.67
N LEU A 127 4.51 17.97 -23.55
CA LEU A 127 3.35 17.13 -23.26
C LEU A 127 3.59 16.28 -22.03
N HIS A 128 4.82 15.83 -21.85
CA HIS A 128 5.17 15.02 -20.68
C HIS A 128 4.93 15.83 -19.41
N ASN A 129 5.41 17.07 -19.40
CA ASN A 129 5.21 17.94 -18.26
C ASN A 129 3.73 18.23 -17.99
N LEU A 130 2.96 18.38 -19.05
CA LEU A 130 1.53 18.60 -18.93
C LEU A 130 0.83 17.38 -18.31
N LEU A 131 1.23 16.19 -18.73
CA LEU A 131 0.64 14.97 -18.21
C LEU A 131 1.07 14.72 -16.76
N LEU A 132 2.26 15.20 -16.42
CA LEU A 132 2.83 14.98 -15.10
C LEU A 132 2.27 15.93 -14.04
N TYR A 133 2.13 17.20 -14.39
CA TYR A 133 1.86 18.23 -13.40
C TYR A 133 0.61 19.04 -13.67
N GLN A 134 0.15 19.02 -14.92
CA GLN A 134 -0.97 19.84 -15.34
C GLN A 134 -2.27 19.04 -15.36
N GLU A 135 -2.97 18.99 -14.24
CA GLU A 135 -4.20 18.23 -14.16
C GLU A 135 -5.19 18.69 -15.22
N GLY A 136 -5.77 17.74 -15.94
CA GLY A 136 -6.61 18.03 -17.08
C GLY A 136 -5.93 17.69 -18.39
N ALA A 137 -4.62 17.55 -18.36
CA ALA A 137 -3.85 17.25 -19.56
C ALA A 137 -4.15 15.87 -20.10
N LYS A 138 -4.18 14.88 -19.21
CA LYS A 138 -4.44 13.50 -19.62
C LYS A 138 -5.71 13.37 -20.45
N MET A 139 -6.79 13.95 -19.96
CA MET A 139 -8.04 13.88 -20.70
C MET A 139 -7.91 14.68 -21.99
N ALA A 140 -7.11 15.73 -21.94
CA ALA A 140 -7.02 16.69 -23.04
C ALA A 140 -6.14 16.17 -24.17
N VAL A 141 -5.17 15.34 -23.84
CA VAL A 141 -4.29 14.74 -24.84
C VAL A 141 -5.02 13.62 -25.58
N ARG A 142 -5.87 12.90 -24.86
CA ARG A 142 -6.69 11.86 -25.48
C ARG A 142 -7.63 12.43 -26.53
N LEU A 143 -8.26 13.57 -26.20
CA LEU A 143 -9.17 14.22 -27.13
C LEU A 143 -8.42 14.79 -28.33
N ALA A 144 -7.16 15.18 -28.12
CA ALA A 144 -6.34 15.68 -29.21
C ALA A 144 -5.81 14.51 -30.04
N ASP A 145 -6.20 13.30 -29.66
CA ASP A 145 -5.80 12.09 -30.35
C ASP A 145 -4.27 12.00 -30.47
N GLY A 146 -3.59 12.63 -29.52
CA GLY A 146 -2.14 12.65 -29.51
C GLY A 146 -1.58 11.26 -29.38
N LEU A 147 -2.37 10.38 -28.77
CA LEU A 147 -1.96 9.01 -28.52
C LEU A 147 -1.67 8.26 -29.81
N GLN A 148 -2.52 8.47 -30.82
CA GLN A 148 -2.33 7.84 -32.13
C GLN A 148 -1.06 8.36 -32.78
N LYS A 149 -0.57 9.50 -32.31
CA LYS A 149 0.61 10.10 -32.90
C LYS A 149 1.84 9.96 -32.02
N MET A 150 1.70 9.22 -30.91
CA MET A 150 2.82 8.94 -30.02
C MET A 150 3.43 7.55 -30.28
N VAL A 151 2.59 6.57 -30.57
CA VAL A 151 3.06 5.20 -30.82
C VAL A 151 4.00 5.10 -32.03
N PRO A 152 3.67 5.79 -33.13
CA PRO A 152 4.58 5.78 -34.28
C PRO A 152 5.96 6.33 -33.94
N LEU A 153 6.04 7.11 -32.86
CA LEU A 153 7.30 7.70 -32.45
C LEU A 153 8.21 6.68 -31.79
N LEU A 154 7.63 5.55 -31.40
CA LEU A 154 8.38 4.49 -30.73
C LEU A 154 9.46 3.89 -31.63
N ASN A 155 9.39 4.17 -32.93
CA ASN A 155 10.40 3.67 -33.84
C ASN A 155 11.60 4.61 -33.99
N LYS A 156 11.62 5.69 -33.20
CA LYS A 156 12.76 6.61 -33.23
C LYS A 156 13.91 6.07 -32.39
N ASN A 157 15.13 6.48 -32.73
CA ASN A 157 16.32 5.83 -32.21
C ASN A 157 16.72 6.25 -30.79
N ASN A 158 16.45 7.50 -30.43
CA ASN A 158 16.94 8.06 -29.18
C ASN A 158 16.30 7.44 -27.93
N PRO A 159 17.09 6.71 -27.14
CA PRO A 159 16.60 6.01 -25.95
C PRO A 159 15.99 6.97 -24.93
N LYS A 160 16.58 8.16 -24.80
CA LYS A 160 16.05 9.15 -23.87
C LYS A 160 14.70 9.63 -24.37
N PHE A 161 14.60 9.87 -25.67
CA PHE A 161 13.35 10.28 -26.29
C PHE A 161 12.24 9.25 -26.10
N LEU A 162 12.59 7.97 -26.21
CA LEU A 162 11.63 6.89 -26.03
C LEU A 162 11.15 6.80 -24.58
N ALA A 163 12.05 7.08 -23.65
CA ALA A 163 11.70 7.05 -22.23
C ALA A 163 10.56 8.02 -21.96
N ILE A 164 10.70 9.25 -22.45
CA ILE A 164 9.66 10.26 -22.28
C ILE A 164 8.42 9.87 -23.05
N THR A 165 8.61 9.25 -24.22
CA THR A 165 7.49 8.85 -25.06
C THR A 165 6.70 7.68 -24.48
N THR A 166 7.39 6.66 -23.97
CA THR A 166 6.71 5.52 -23.37
C THR A 166 6.00 5.91 -22.08
N ASP A 167 6.59 6.80 -21.31
CA ASP A 167 6.00 7.25 -20.05
C ASP A 167 4.67 7.95 -20.33
N CYS A 168 4.66 8.81 -21.34
CA CYS A 168 3.44 9.48 -21.77
C CYS A 168 2.35 8.45 -22.07
N LEU A 169 2.74 7.36 -22.71
CA LEU A 169 1.81 6.27 -22.97
C LEU A 169 1.28 5.68 -21.67
N GLN A 170 2.19 5.36 -20.74
CA GLN A 170 1.79 4.86 -19.43
C GLN A 170 0.80 5.80 -18.75
N LEU A 171 1.13 7.10 -18.79
CA LEU A 171 0.32 8.11 -18.14
C LEU A 171 -1.10 8.17 -18.71
N LEU A 172 -1.20 8.16 -20.03
CA LEU A 172 -2.49 8.19 -20.69
C LEU A 172 -3.23 6.87 -20.51
N ALA A 173 -2.48 5.77 -20.61
CA ALA A 173 -3.07 4.43 -20.63
C ALA A 173 -3.58 3.95 -19.27
N TYR A 174 -2.88 4.34 -18.21
CA TYR A 174 -3.25 3.87 -16.87
C TYR A 174 -4.71 4.13 -16.54
N GLY A 175 -5.44 3.06 -16.24
CA GLY A 175 -6.83 3.15 -15.83
C GLY A 175 -7.78 3.38 -16.98
N ASN A 176 -7.27 3.82 -18.11
CA ASN A 176 -8.12 4.20 -19.22
C ASN A 176 -8.24 3.11 -20.28
N GLN A 177 -9.28 2.30 -20.16
CA GLN A 177 -9.52 1.20 -21.10
C GLN A 177 -9.46 1.66 -22.54
N GLU A 178 -9.97 2.86 -22.80
CA GLU A 178 -10.01 3.42 -24.15
C GLU A 178 -8.60 3.56 -24.73
N SER A 179 -7.74 4.23 -23.98
CA SER A 179 -6.37 4.50 -24.42
C SER A 179 -5.62 3.22 -24.74
N LYS A 180 -5.82 2.19 -23.91
CA LYS A 180 -5.14 0.92 -24.11
C LYS A 180 -5.46 0.33 -25.49
N LEU A 181 -6.72 0.42 -25.89
CA LEU A 181 -7.15 -0.17 -27.15
C LEU A 181 -6.59 0.61 -28.34
N ILE A 182 -6.50 1.92 -28.19
CA ILE A 182 -5.91 2.75 -29.23
C ILE A 182 -4.45 2.36 -29.42
N ILE A 183 -3.71 2.25 -28.31
CA ILE A 183 -2.32 1.80 -28.34
C ILE A 183 -2.19 0.45 -29.05
N LEU A 184 -3.12 -0.47 -28.77
CA LEU A 184 -3.11 -1.79 -29.38
C LEU A 184 -3.39 -1.73 -30.88
N ALA A 185 -4.31 -0.86 -31.27
CA ALA A 185 -4.70 -0.71 -32.66
C ALA A 185 -3.63 -0.02 -33.49
N ASN A 186 -2.70 0.67 -32.81
CA ASN A 186 -1.60 1.33 -33.50
C ASN A 186 -0.29 0.58 -33.30
N GLY A 187 -0.38 -0.72 -33.03
CA GLY A 187 0.79 -1.57 -32.92
C GLY A 187 1.62 -1.33 -31.67
N GLY A 188 0.96 -0.88 -30.60
CA GLY A 188 1.61 -0.61 -29.33
C GLY A 188 2.42 -1.77 -28.78
N PRO A 189 1.76 -2.89 -28.47
CA PRO A 189 2.48 -4.05 -27.94
C PRO A 189 3.68 -4.43 -28.82
N GLN A 190 3.44 -4.60 -30.11
CA GLN A 190 4.50 -4.91 -31.06
C GLN A 190 5.74 -4.05 -30.81
N ALA A 191 5.54 -2.73 -30.75
CA ALA A 191 6.65 -1.79 -30.65
C ALA A 191 7.27 -1.71 -29.25
N LEU A 192 6.45 -1.87 -28.22
CA LEU A 192 6.93 -1.84 -26.84
C LEU A 192 7.79 -3.06 -26.53
N VAL A 193 7.31 -4.25 -26.92
CA VAL A 193 8.05 -5.48 -26.72
C VAL A 193 9.38 -5.43 -27.45
N GLN A 194 9.42 -4.73 -28.58
CA GLN A 194 10.67 -4.57 -29.31
C GLN A 194 11.69 -3.84 -28.46
N ILE A 195 11.26 -2.74 -27.84
CA ILE A 195 12.12 -1.98 -26.95
C ILE A 195 12.69 -2.85 -25.83
N MET A 196 11.81 -3.63 -25.18
CA MET A 196 12.21 -4.56 -24.13
C MET A 196 13.18 -5.63 -24.61
N ARG A 197 13.51 -5.59 -25.90
CA ARG A 197 14.32 -6.64 -26.49
C ARG A 197 15.59 -6.08 -27.10
N ASN A 198 15.59 -4.78 -27.38
CA ASN A 198 16.73 -4.14 -28.03
C ASN A 198 17.53 -3.24 -27.10
N TYR A 199 16.82 -2.57 -26.20
CA TYR A 199 17.44 -1.56 -25.35
C TYR A 199 17.88 -2.07 -23.99
N SER A 200 19.01 -1.54 -23.51
CA SER A 200 19.52 -1.88 -22.20
C SER A 200 19.44 -0.68 -21.25
N TYR A 201 19.10 0.48 -21.80
CA TYR A 201 18.93 1.71 -21.03
C TYR A 201 17.84 1.56 -19.98
N GLU A 202 18.25 1.41 -18.73
CA GLU A 202 17.34 1.11 -17.63
C GLU A 202 16.10 2.00 -17.56
N LYS A 203 16.28 3.31 -17.64
CA LYS A 203 15.15 4.23 -17.49
C LYS A 203 14.07 3.95 -18.53
N LEU A 204 14.51 3.59 -19.74
CA LEU A 204 13.60 3.23 -20.82
C LEU A 204 13.04 1.83 -20.65
N LEU A 205 13.84 0.92 -20.13
CA LEU A 205 13.37 -0.43 -19.85
C LEU A 205 12.29 -0.35 -18.77
N TRP A 206 12.55 0.44 -17.74
CA TRP A 206 11.59 0.63 -16.66
C TRP A 206 10.31 1.30 -17.15
N THR A 207 10.42 2.46 -17.78
CA THR A 207 9.25 3.17 -18.29
C THR A 207 8.43 2.27 -19.22
N THR A 208 9.12 1.56 -20.11
CA THR A 208 8.44 0.69 -21.05
C THR A 208 7.73 -0.46 -20.36
N SER A 209 8.39 -1.06 -19.38
CA SER A 209 7.79 -2.16 -18.62
C SER A 209 6.50 -1.72 -17.93
N ARG A 210 6.49 -0.48 -17.43
CA ARG A 210 5.33 0.03 -16.73
C ARG A 210 4.14 0.21 -17.68
N VAL A 211 4.42 0.52 -18.94
CA VAL A 211 3.35 0.59 -19.94
C VAL A 211 2.78 -0.80 -20.20
N LEU A 212 3.68 -1.75 -20.43
CA LEU A 212 3.28 -3.14 -20.66
C LEU A 212 2.46 -3.67 -19.48
N LYS A 213 2.90 -3.37 -18.27
CA LYS A 213 2.17 -3.76 -17.08
C LYS A 213 0.74 -3.25 -17.17
N VAL A 214 0.60 -1.98 -17.53
CA VAL A 214 -0.71 -1.37 -17.67
C VAL A 214 -1.53 -2.04 -18.77
N LEU A 215 -0.85 -2.38 -19.87
CA LEU A 215 -1.51 -3.02 -21.00
C LEU A 215 -1.86 -4.47 -20.71
N SER A 216 -1.16 -5.08 -19.77
CA SER A 216 -1.34 -6.49 -19.49
C SER A 216 -2.62 -6.82 -18.72
N VAL A 217 -3.34 -5.79 -18.30
CA VAL A 217 -4.62 -6.00 -17.61
C VAL A 217 -5.77 -6.09 -18.59
N CYS A 218 -5.52 -5.65 -19.82
CA CYS A 218 -6.53 -5.62 -20.88
C CYS A 218 -6.58 -6.94 -21.67
N PRO A 219 -7.72 -7.63 -21.64
CA PRO A 219 -7.93 -8.92 -22.31
C PRO A 219 -7.57 -8.88 -23.78
N SER A 220 -7.61 -7.69 -24.37
CA SER A 220 -7.27 -7.50 -25.79
C SER A 220 -5.77 -7.36 -26.01
N ASN A 221 -5.11 -6.63 -25.13
CA ASN A 221 -3.68 -6.37 -25.24
C ASN A 221 -2.80 -7.54 -24.83
N LYS A 222 -3.34 -8.44 -24.00
CA LYS A 222 -2.56 -9.58 -23.52
C LYS A 222 -2.01 -10.44 -24.66
N PRO A 223 -2.92 -11.02 -25.47
CA PRO A 223 -2.47 -11.89 -26.56
C PRO A 223 -1.49 -11.18 -27.48
N ALA A 224 -1.80 -9.94 -27.85
CA ALA A 224 -0.96 -9.16 -28.75
C ALA A 224 0.46 -9.05 -28.20
N ILE A 225 0.57 -8.77 -26.90
CA ILE A 225 1.85 -8.70 -26.23
C ILE A 225 2.55 -10.06 -26.20
N VAL A 226 1.77 -11.10 -25.93
CA VAL A 226 2.31 -12.46 -25.89
C VAL A 226 2.79 -12.92 -27.27
N GLU A 227 1.99 -12.66 -28.30
CA GLU A 227 2.36 -13.03 -29.67
C GLU A 227 3.57 -12.24 -30.17
N ALA A 228 3.85 -11.11 -29.53
CA ALA A 228 5.00 -10.29 -29.91
C ALA A 228 6.27 -10.77 -29.24
N GLY A 229 6.15 -11.80 -28.40
CA GLY A 229 7.27 -12.32 -27.66
C GLY A 229 7.44 -11.66 -26.30
N GLY A 230 6.37 -11.07 -25.79
CA GLY A 230 6.40 -10.37 -24.52
C GLY A 230 6.94 -11.20 -23.37
N MET A 231 6.49 -12.46 -23.28
CA MET A 231 6.94 -13.34 -22.21
C MET A 231 8.46 -13.42 -22.25
N GLN A 232 9.00 -13.68 -23.43
CA GLN A 232 10.44 -13.80 -23.60
C GLN A 232 11.15 -12.48 -23.29
N ALA A 233 10.62 -11.38 -23.84
CA ALA A 233 11.24 -10.08 -23.68
C ALA A 233 11.21 -9.57 -22.23
N LEU A 234 10.13 -9.90 -21.52
CA LEU A 234 10.01 -9.52 -20.11
C LEU A 234 10.85 -10.45 -19.24
N GLY A 235 10.85 -11.74 -19.56
CA GLY A 235 11.64 -12.70 -18.83
C GLY A 235 13.12 -12.39 -18.88
N LYS A 236 13.57 -11.90 -20.02
CA LYS A 236 14.96 -11.48 -20.20
C LYS A 236 15.39 -10.54 -19.06
N HIS A 237 14.46 -9.72 -18.59
CA HIS A 237 14.80 -8.69 -17.62
C HIS A 237 14.50 -9.06 -16.16
N LEU A 238 14.20 -10.33 -15.91
CA LEU A 238 14.02 -10.81 -14.55
C LEU A 238 15.36 -10.92 -13.82
N THR A 239 16.46 -10.67 -14.53
CA THR A 239 17.79 -10.81 -13.95
C THR A 239 18.52 -9.47 -13.82
N SER A 240 17.88 -8.39 -14.26
CA SER A 240 18.51 -7.08 -14.17
C SER A 240 18.72 -6.68 -12.72
N ASN A 241 19.69 -5.80 -12.48
CA ASN A 241 19.99 -5.34 -11.13
C ASN A 241 19.13 -4.15 -10.73
N SER A 242 17.99 -4.00 -11.38
CA SER A 242 17.05 -2.93 -11.06
C SER A 242 15.74 -3.52 -10.56
N PRO A 243 15.56 -3.54 -9.23
CA PRO A 243 14.36 -4.11 -8.60
C PRO A 243 13.07 -3.61 -9.23
N ARG A 244 12.98 -2.31 -9.49
CA ARG A 244 11.75 -1.75 -10.05
C ARG A 244 11.45 -2.36 -11.42
N LEU A 245 12.50 -2.54 -12.22
CA LEU A 245 12.35 -3.20 -13.50
C LEU A 245 11.89 -4.64 -13.30
N VAL A 246 12.68 -5.40 -12.56
CA VAL A 246 12.36 -6.81 -12.31
C VAL A 246 10.93 -6.97 -11.81
N GLN A 247 10.56 -6.17 -10.82
CA GLN A 247 9.22 -6.24 -10.26
C GLN A 247 8.14 -5.92 -11.30
N ASN A 248 8.41 -4.92 -12.14
CA ASN A 248 7.48 -4.58 -13.21
C ASN A 248 7.28 -5.73 -14.20
N CYS A 249 8.36 -6.41 -14.55
CA CYS A 249 8.29 -7.54 -15.45
C CYS A 249 7.50 -8.69 -14.84
N LEU A 250 7.69 -8.93 -13.55
CA LEU A 250 6.95 -9.98 -12.86
C LEU A 250 5.45 -9.71 -12.85
N TRP A 251 5.06 -8.50 -12.47
CA TRP A 251 3.64 -8.14 -12.47
C TRP A 251 3.07 -8.42 -13.84
N THR A 252 3.81 -8.02 -14.87
CA THR A 252 3.34 -8.14 -16.24
C THR A 252 3.34 -9.59 -16.71
N LEU A 253 4.41 -10.32 -16.37
CA LEU A 253 4.51 -11.73 -16.73
C LEU A 253 3.39 -12.55 -16.11
N ARG A 254 2.92 -12.11 -14.95
CA ARG A 254 1.82 -12.81 -14.27
C ARG A 254 0.46 -12.48 -14.91
N ASN A 255 0.26 -11.23 -15.28
CA ASN A 255 -0.98 -10.81 -15.93
C ASN A 255 -1.14 -11.49 -17.28
N LEU A 256 -0.02 -11.82 -17.90
CA LEU A 256 -0.01 -12.44 -19.22
C LEU A 256 -0.14 -13.96 -19.11
N SER A 257 0.39 -14.52 -18.03
CA SER A 257 0.58 -15.96 -17.92
C SER A 257 -0.61 -16.84 -18.32
N ASP A 258 -1.82 -16.42 -18.00
CA ASP A 258 -3.01 -17.23 -18.31
C ASP A 258 -3.25 -17.39 -19.81
N VAL A 259 -2.53 -16.59 -20.60
CA VAL A 259 -2.69 -16.59 -22.05
C VAL A 259 -1.49 -17.22 -22.75
N ALA A 260 -0.41 -17.42 -22.00
CA ALA A 260 0.82 -17.93 -22.57
C ALA A 260 0.99 -19.42 -22.33
N THR A 261 -0.11 -20.11 -22.01
CA THR A 261 -0.06 -21.54 -21.73
C THR A 261 0.35 -22.36 -22.95
N LYS A 262 0.37 -21.73 -24.12
CA LYS A 262 0.73 -22.42 -25.35
C LYS A 262 2.06 -21.91 -25.93
N GLN A 263 2.53 -20.77 -25.42
CA GLN A 263 3.77 -20.16 -25.89
C GLN A 263 4.98 -21.07 -25.86
N GLU A 264 5.83 -20.93 -26.87
CA GLU A 264 7.03 -21.75 -26.99
C GLU A 264 8.26 -20.95 -26.56
N GLY A 265 9.38 -21.66 -26.38
CA GLY A 265 10.64 -21.02 -26.05
C GLY A 265 10.62 -20.26 -24.74
N LEU A 266 9.99 -20.84 -23.73
CA LEU A 266 9.95 -20.24 -22.40
C LEU A 266 10.94 -20.92 -21.46
N GLU A 267 11.79 -21.77 -22.01
CA GLU A 267 12.79 -22.46 -21.20
C GLU A 267 13.46 -21.49 -20.24
N SER A 268 14.06 -20.44 -20.79
CA SER A 268 14.81 -19.47 -20.00
C SER A 268 13.95 -18.79 -18.94
N VAL A 269 12.82 -18.25 -19.35
CA VAL A 269 11.92 -17.57 -18.42
C VAL A 269 11.50 -18.50 -17.28
N LEU A 270 11.01 -19.68 -17.63
CA LEU A 270 10.56 -20.67 -16.64
C LEU A 270 11.66 -20.99 -15.64
N LYS A 271 12.91 -20.96 -16.09
CA LYS A 271 14.03 -21.32 -15.23
C LYS A 271 14.31 -20.24 -14.19
N ILE A 272 14.34 -18.98 -14.63
CA ILE A 272 14.66 -17.89 -13.71
C ILE A 272 13.52 -17.53 -12.78
N LEU A 273 12.32 -18.04 -13.07
CA LEU A 273 11.18 -17.87 -12.17
C LEU A 273 11.34 -18.79 -10.97
N VAL A 274 11.62 -20.07 -11.25
CA VAL A 274 11.89 -21.06 -10.22
C VAL A 274 13.01 -20.59 -9.30
N ASN A 275 13.99 -19.90 -9.87
CA ASN A 275 15.14 -19.42 -9.12
C ASN A 275 14.81 -18.27 -8.18
N GLN A 276 13.65 -17.65 -8.39
CA GLN A 276 13.26 -16.51 -7.58
C GLN A 276 12.28 -16.89 -6.49
N LEU A 277 11.89 -18.15 -6.46
CA LEU A 277 11.09 -18.69 -5.37
C LEU A 277 11.96 -18.82 -4.13
N SER A 278 13.25 -18.56 -4.31
CA SER A 278 14.19 -18.62 -3.20
C SER A 278 14.35 -17.24 -2.55
N VAL A 279 13.59 -16.28 -3.03
CA VAL A 279 13.67 -14.89 -2.56
C VAL A 279 12.79 -14.63 -1.33
N ASP A 280 13.15 -13.63 -0.54
CA ASP A 280 12.38 -13.31 0.66
C ASP A 280 11.18 -12.40 0.35
N ASP A 281 11.33 -11.57 -0.66
CA ASP A 281 10.27 -10.63 -1.08
C ASP A 281 8.93 -11.32 -1.33
N VAL A 282 7.89 -10.85 -0.65
CA VAL A 282 6.56 -11.44 -0.76
C VAL A 282 5.90 -11.15 -2.11
N ASN A 283 6.24 -10.02 -2.70
CA ASN A 283 5.68 -9.65 -4.00
C ASN A 283 6.30 -10.46 -5.13
N VAL A 284 7.61 -10.64 -5.09
CA VAL A 284 8.29 -11.50 -6.05
C VAL A 284 7.68 -12.90 -5.98
N LEU A 285 7.72 -13.51 -4.80
CA LEU A 285 7.16 -14.84 -4.60
C LEU A 285 5.77 -14.98 -5.18
N THR A 286 4.89 -14.06 -4.82
CA THR A 286 3.51 -14.10 -5.29
C THR A 286 3.45 -14.16 -6.81
N CYS A 287 4.26 -13.33 -7.47
CA CYS A 287 4.24 -13.23 -8.92
C CYS A 287 4.84 -14.46 -9.60
N ALA A 288 5.97 -14.92 -9.09
CA ALA A 288 6.66 -16.06 -9.68
C ALA A 288 5.85 -17.35 -9.49
N THR A 289 5.35 -17.56 -8.28
CA THR A 289 4.56 -18.75 -8.01
C THR A 289 3.26 -18.74 -8.82
N GLY A 290 2.62 -17.58 -8.92
CA GLY A 290 1.39 -17.44 -9.68
C GLY A 290 1.60 -17.61 -11.16
N THR A 291 2.69 -17.04 -11.67
CA THR A 291 3.01 -17.15 -13.08
C THR A 291 3.45 -18.57 -13.47
N LEU A 292 4.20 -19.23 -12.59
CA LEU A 292 4.59 -20.62 -12.82
C LEU A 292 3.38 -21.53 -12.80
N SER A 293 2.43 -21.23 -11.93
CA SER A 293 1.23 -22.04 -11.82
C SER A 293 0.50 -22.08 -13.15
N ASN A 294 0.26 -20.90 -13.73
CA ASN A 294 -0.44 -20.80 -15.00
C ASN A 294 0.30 -21.46 -16.16
N LEU A 295 1.57 -21.11 -16.32
CA LEU A 295 2.38 -21.64 -17.42
C LEU A 295 2.49 -23.16 -17.38
N THR A 296 2.21 -23.77 -16.23
CA THR A 296 2.26 -25.22 -16.13
C THR A 296 0.87 -25.81 -16.24
N CYS A 297 -0.09 -24.98 -16.62
CA CYS A 297 -1.45 -25.45 -16.80
C CYS A 297 -1.61 -26.11 -18.16
N ASN A 298 -1.87 -27.42 -18.17
CA ASN A 298 -2.00 -28.18 -19.40
C ASN A 298 -0.87 -27.90 -20.38
N ASN A 299 0.35 -28.16 -19.93
CA ASN A 299 1.52 -27.97 -20.77
C ASN A 299 2.63 -28.89 -20.29
N SER A 300 2.60 -30.12 -20.79
CA SER A 300 3.56 -31.14 -20.37
C SER A 300 5.01 -30.70 -20.57
N LYS A 301 5.26 -29.93 -21.62
CA LYS A 301 6.59 -29.40 -21.90
C LYS A 301 7.09 -28.53 -20.75
N ASN A 302 6.33 -27.49 -20.44
CA ASN A 302 6.65 -26.62 -19.33
C ASN A 302 6.68 -27.37 -18.01
N LYS A 303 5.70 -28.27 -17.82
CA LYS A 303 5.65 -29.12 -16.63
C LYS A 303 6.95 -29.89 -16.46
N THR A 304 7.31 -30.61 -17.52
CA THR A 304 8.48 -31.46 -17.50
C THR A 304 9.76 -30.64 -17.35
N LEU A 305 9.73 -29.41 -17.86
CA LEU A 305 10.89 -28.53 -17.78
C LEU A 305 11.07 -27.96 -16.37
N VAL A 306 9.98 -27.50 -15.78
CA VAL A 306 10.00 -26.97 -14.43
C VAL A 306 10.39 -28.09 -13.45
N THR A 307 9.71 -29.23 -13.56
CA THR A 307 9.98 -30.36 -12.68
C THR A 307 11.42 -30.86 -12.83
N GLN A 308 12.06 -30.45 -13.91
CA GLN A 308 13.41 -30.89 -14.22
C GLN A 308 14.43 -29.93 -13.63
N ASN A 309 14.00 -28.70 -13.37
CA ASN A 309 14.89 -27.66 -12.87
C ASN A 309 14.58 -27.25 -11.44
N SER A 310 14.49 -28.23 -10.55
CA SER A 310 14.28 -27.98 -9.12
C SER A 310 13.01 -27.17 -8.85
N GLY A 311 12.09 -27.17 -9.80
CA GLY A 311 10.86 -26.41 -9.66
C GLY A 311 9.96 -26.96 -8.57
N VAL A 312 10.02 -28.26 -8.34
CA VAL A 312 9.19 -28.88 -7.31
C VAL A 312 9.70 -28.49 -5.93
N GLU A 313 11.02 -28.48 -5.80
CA GLU A 313 11.66 -28.12 -4.53
C GLU A 313 11.37 -26.66 -4.17
N ALA A 314 11.64 -25.76 -5.11
CA ALA A 314 11.43 -24.34 -4.88
C ALA A 314 10.00 -24.02 -4.45
N LEU A 315 9.04 -24.69 -5.09
CA LEU A 315 7.63 -24.46 -4.78
C LEU A 315 7.30 -24.84 -3.34
N ILE A 316 7.88 -25.95 -2.88
CA ILE A 316 7.66 -26.42 -1.52
C ILE A 316 8.28 -25.48 -0.49
N HIS A 317 9.45 -24.94 -0.80
CA HIS A 317 10.07 -23.94 0.07
C HIS A 317 9.29 -22.64 0.03
N ALA A 318 8.87 -22.23 -1.15
CA ALA A 318 8.02 -21.05 -1.30
C ALA A 318 6.72 -21.26 -0.53
N ILE A 319 6.42 -22.51 -0.21
CA ILE A 319 5.22 -22.86 0.56
C ILE A 319 5.48 -22.81 2.07
N LEU A 320 6.58 -23.43 2.48
CA LEU A 320 6.97 -23.48 3.89
C LEU A 320 7.28 -22.09 4.43
N ARG A 321 7.70 -21.18 3.55
CA ARG A 321 8.06 -19.83 3.94
C ARG A 321 6.83 -18.93 4.02
N ALA A 322 5.84 -19.23 3.19
CA ALA A 322 4.63 -18.42 3.13
C ALA A 322 3.67 -18.81 4.24
N GLY A 323 3.79 -20.06 4.69
CA GLY A 323 2.89 -20.60 5.69
C GLY A 323 1.42 -20.39 5.30
N ASP A 324 0.79 -19.43 5.95
CA ASP A 324 -0.64 -19.21 5.78
C ASP A 324 -0.97 -18.15 4.73
N LYS A 325 0.05 -17.63 4.05
CA LYS A 325 -0.17 -16.67 2.97
C LYS A 325 -0.68 -17.37 1.72
N ASP A 326 -2.01 -17.40 1.57
CA ASP A 326 -2.65 -18.09 0.46
C ASP A 326 -2.40 -17.40 -0.88
N ASP A 327 -1.93 -16.16 -0.83
CA ASP A 327 -1.55 -15.45 -2.04
C ASP A 327 -0.36 -16.13 -2.69
N ILE A 328 0.28 -17.00 -1.92
CA ILE A 328 1.46 -17.71 -2.37
C ILE A 328 1.19 -19.20 -2.42
N THR A 329 0.58 -19.73 -1.37
CA THR A 329 0.39 -21.17 -1.26
C THR A 329 -0.56 -21.72 -2.32
N GLU A 330 -1.63 -20.99 -2.62
CA GLU A 330 -2.61 -21.47 -3.58
C GLU A 330 -2.00 -21.70 -4.98
N PRO A 331 -1.42 -20.65 -5.58
CA PRO A 331 -0.73 -20.85 -6.86
C PRO A 331 0.39 -21.90 -6.76
N ALA A 332 1.09 -21.93 -5.63
CA ALA A 332 2.14 -22.90 -5.41
C ALA A 332 1.61 -24.34 -5.43
N VAL A 333 0.49 -24.57 -4.75
CA VAL A 333 -0.10 -25.90 -4.69
C VAL A 333 -0.68 -26.29 -6.04
N CYS A 334 -1.24 -25.31 -6.74
CA CYS A 334 -1.74 -25.53 -8.08
C CYS A 334 -0.59 -25.95 -8.99
N ALA A 335 0.47 -25.15 -9.00
CA ALA A 335 1.66 -25.48 -9.76
C ALA A 335 2.11 -26.90 -9.41
N LEU A 336 2.06 -27.23 -8.13
CA LEU A 336 2.48 -28.56 -7.68
C LEU A 336 1.54 -29.67 -8.13
N ARG A 337 0.25 -29.36 -8.21
CA ARG A 337 -0.72 -30.31 -8.74
C ARG A 337 -0.46 -30.56 -10.22
N HIS A 338 -0.02 -29.52 -10.91
CA HIS A 338 0.29 -29.62 -12.34
C HIS A 338 1.54 -30.48 -12.57
N LEU A 339 2.55 -30.29 -11.73
CA LEU A 339 3.82 -30.99 -11.89
C LEU A 339 3.72 -32.46 -11.54
N THR A 340 2.59 -32.87 -10.95
CA THR A 340 2.46 -34.23 -10.46
C THR A 340 1.50 -35.10 -11.29
N SER A 341 1.25 -34.69 -12.54
CA SER A 341 0.36 -35.46 -13.40
C SER A 341 0.42 -35.04 -14.87
N ARG A 342 0.23 -36.01 -15.75
CA ARG A 342 0.04 -35.76 -17.18
C ARG A 342 1.28 -35.23 -17.90
N HIS A 343 2.45 -35.75 -17.53
CA HIS A 343 3.67 -35.47 -18.25
C HIS A 343 4.77 -36.43 -17.84
N PRO A 344 5.67 -36.77 -18.77
CA PRO A 344 6.74 -37.76 -18.59
C PRO A 344 7.34 -37.79 -17.19
N GLU A 345 7.64 -36.63 -16.63
CA GLU A 345 8.34 -36.54 -15.36
C GLU A 345 7.41 -36.42 -14.15
N ALA A 346 6.16 -36.84 -14.31
CA ALA A 346 5.18 -36.75 -13.25
C ALA A 346 5.54 -37.61 -12.04
N GLU A 347 6.07 -38.81 -12.31
CA GLU A 347 6.49 -39.72 -11.25
C GLU A 347 7.69 -39.17 -10.48
N MET A 348 8.54 -38.41 -11.18
CA MET A 348 9.71 -37.80 -10.54
C MET A 348 9.27 -36.69 -9.57
N ALA A 349 8.28 -35.91 -9.99
CA ALA A 349 7.76 -34.82 -9.17
C ALA A 349 7.08 -35.35 -7.91
N GLN A 350 6.20 -36.34 -8.10
CA GLN A 350 5.50 -36.98 -7.00
C GLN A 350 6.49 -37.47 -5.94
N ASN A 351 7.70 -37.81 -6.38
CA ASN A 351 8.74 -38.27 -5.48
C ASN A 351 9.47 -37.12 -4.80
N SER A 352 9.86 -36.11 -5.57
CA SER A 352 10.64 -35.02 -5.01
C SER A 352 9.81 -34.18 -4.05
N VAL A 353 8.49 -34.28 -4.14
CA VAL A 353 7.62 -33.65 -3.16
C VAL A 353 7.82 -34.29 -1.79
N ARG A 354 7.72 -35.61 -1.74
CA ARG A 354 7.95 -36.32 -0.48
C ARG A 354 9.39 -36.13 -0.01
N LEU A 355 10.33 -36.15 -0.95
CA LEU A 355 11.75 -36.01 -0.63
C LEU A 355 12.13 -34.59 -0.22
N ASN A 356 11.13 -33.71 -0.13
CA ASN A 356 11.36 -32.34 0.32
C ASN A 356 10.49 -31.98 1.52
N TYR A 357 9.97 -33.01 2.19
CA TYR A 357 9.18 -32.82 3.40
C TYR A 357 8.01 -31.88 3.15
N GLY A 358 7.50 -31.92 1.92
CA GLY A 358 6.36 -31.10 1.55
C GLY A 358 5.05 -31.76 1.93
N ILE A 359 5.08 -33.09 2.04
CA ILE A 359 3.88 -33.84 2.37
C ILE A 359 3.22 -33.39 3.69
N PRO A 360 4.03 -33.16 4.73
CA PRO A 360 3.46 -32.66 5.99
C PRO A 360 2.90 -31.25 5.86
N ALA A 361 3.65 -30.35 5.22
CA ALA A 361 3.22 -28.96 5.08
C ALA A 361 1.97 -28.81 4.21
N ILE A 362 1.93 -29.48 3.07
CA ILE A 362 0.75 -29.38 2.19
C ILE A 362 -0.50 -29.93 2.89
N VAL A 363 -0.39 -31.10 3.50
CA VAL A 363 -1.52 -31.70 4.20
C VAL A 363 -2.02 -30.76 5.29
N LYS A 364 -1.10 -29.99 5.88
CA LYS A 364 -1.45 -28.99 6.87
C LYS A 364 -2.40 -27.97 6.24
N LEU A 365 -2.27 -27.79 4.93
CA LEU A 365 -3.06 -26.80 4.21
C LEU A 365 -4.53 -27.20 4.08
N LEU A 366 -4.84 -28.44 4.41
CA LEU A 366 -6.23 -28.90 4.39
C LEU A 366 -7.04 -28.22 5.50
N ASN A 367 -6.35 -27.81 6.55
CA ASN A 367 -7.01 -27.21 7.70
C ASN A 367 -7.00 -25.69 7.66
N GLN A 368 -6.58 -25.15 6.51
CA GLN A 368 -6.65 -23.71 6.26
C GLN A 368 -8.10 -23.25 6.43
N PRO A 369 -8.32 -22.33 7.38
CA PRO A 369 -9.63 -21.86 7.84
C PRO A 369 -10.61 -21.44 6.73
N ASN A 370 -10.29 -20.37 6.02
CA ASN A 370 -11.25 -19.80 5.07
C ASN A 370 -10.69 -19.64 3.66
N GLN A 371 -10.20 -20.73 3.09
CA GLN A 371 -9.62 -20.69 1.76
C GLN A 371 -9.91 -21.98 0.99
N TRP A 372 -11.14 -22.11 0.50
CA TRP A 372 -11.56 -23.29 -0.24
C TRP A 372 -10.79 -23.51 -1.55
N PRO A 373 -10.56 -22.43 -2.32
CA PRO A 373 -9.77 -22.55 -3.55
C PRO A 373 -8.44 -23.25 -3.31
N LEU A 374 -7.88 -23.06 -2.12
CA LEU A 374 -6.62 -23.70 -1.76
C LEU A 374 -6.86 -25.14 -1.31
N VAL A 375 -7.95 -25.37 -0.60
CA VAL A 375 -8.26 -26.72 -0.12
C VAL A 375 -8.58 -27.64 -1.30
N LYS A 376 -9.41 -27.15 -2.21
CA LYS A 376 -9.70 -27.89 -3.43
C LYS A 376 -8.43 -28.20 -4.21
N ALA A 377 -7.56 -27.21 -4.32
CA ALA A 377 -6.28 -27.39 -4.99
C ALA A 377 -5.38 -28.36 -4.24
N THR A 378 -5.41 -28.31 -2.92
CA THR A 378 -4.59 -29.20 -2.12
C THR A 378 -5.13 -30.63 -2.15
N ILE A 379 -6.46 -30.76 -2.21
CA ILE A 379 -7.10 -32.06 -2.31
C ILE A 379 -6.69 -32.77 -3.61
N GLY A 380 -6.58 -31.99 -4.67
CA GLY A 380 -6.15 -32.51 -5.96
C GLY A 380 -4.70 -32.92 -5.93
N LEU A 381 -3.87 -32.15 -5.23
CA LEU A 381 -2.45 -32.45 -5.14
C LEU A 381 -2.21 -33.72 -4.33
N ILE A 382 -3.03 -33.93 -3.32
CA ILE A 382 -2.93 -35.14 -2.50
C ILE A 382 -3.32 -36.37 -3.30
N ARG A 383 -4.23 -36.19 -4.25
CA ARG A 383 -4.62 -37.29 -5.13
C ARG A 383 -3.47 -37.73 -6.03
N ASN A 384 -2.78 -36.77 -6.65
CA ASN A 384 -1.65 -37.09 -7.50
C ASN A 384 -0.52 -37.75 -6.72
N LEU A 385 -0.21 -37.18 -5.56
CA LEU A 385 0.87 -37.71 -4.72
C LEU A 385 0.57 -39.14 -4.30
N ALA A 386 -0.71 -39.46 -4.15
CA ALA A 386 -1.13 -40.79 -3.75
C ALA A 386 -0.88 -41.81 -4.86
N LEU A 387 -0.68 -41.32 -6.09
CA LEU A 387 -0.39 -42.18 -7.23
C LEU A 387 0.93 -42.92 -7.02
N CYS A 388 1.92 -42.18 -6.53
CA CYS A 388 3.21 -42.74 -6.14
C CYS A 388 3.09 -43.55 -4.84
N PRO A 389 3.30 -44.88 -4.93
CA PRO A 389 3.14 -45.81 -3.80
C PRO A 389 4.08 -45.51 -2.63
N ALA A 390 5.19 -44.85 -2.90
CA ALA A 390 6.14 -44.50 -1.85
C ALA A 390 5.63 -43.35 -0.99
N ASN A 391 4.50 -42.76 -1.42
CA ASN A 391 3.89 -41.65 -0.70
C ASN A 391 2.77 -42.07 0.22
N HIS A 392 2.37 -43.34 0.14
CA HIS A 392 1.27 -43.85 0.96
C HIS A 392 1.61 -43.77 2.44
N ALA A 393 2.87 -44.02 2.77
CA ALA A 393 3.32 -44.01 4.16
C ALA A 393 3.38 -42.60 4.75
N PRO A 394 4.11 -41.69 4.10
CA PRO A 394 4.23 -40.33 4.63
C PRO A 394 2.87 -39.63 4.73
N LEU A 395 1.95 -40.02 3.86
CA LEU A 395 0.59 -39.47 3.86
C LEU A 395 -0.22 -40.08 4.99
N GLN A 396 -0.15 -41.40 5.13
CA GLN A 396 -0.81 -42.08 6.22
C GLN A 396 -0.31 -41.51 7.55
N GLU A 397 1.00 -41.29 7.62
CA GLU A 397 1.63 -40.76 8.82
C GLU A 397 1.16 -39.34 9.12
N ALA A 398 1.02 -38.52 8.07
CA ALA A 398 0.54 -37.15 8.23
C ALA A 398 -0.96 -37.15 8.50
N ALA A 399 -1.56 -38.33 8.58
CA ALA A 399 -2.97 -38.48 8.89
C ALA A 399 -3.86 -37.77 7.87
N VAL A 400 -3.62 -38.03 6.59
CA VAL A 400 -4.37 -37.39 5.53
C VAL A 400 -5.81 -37.90 5.49
N ILE A 401 -5.97 -39.21 5.65
CA ILE A 401 -7.28 -39.84 5.50
C ILE A 401 -8.36 -39.24 6.40
N PRO A 402 -8.08 -39.16 7.71
CA PRO A 402 -9.07 -38.55 8.62
C PRO A 402 -9.39 -37.09 8.26
N ARG A 403 -8.38 -36.33 7.82
CA ARG A 403 -8.60 -34.94 7.44
C ARG A 403 -9.43 -34.82 6.16
N LEU A 404 -9.18 -35.72 5.21
CA LEU A 404 -9.97 -35.78 3.98
C LEU A 404 -11.42 -36.14 4.30
N VAL A 405 -11.60 -37.22 5.04
CA VAL A 405 -12.93 -37.69 5.39
C VAL A 405 -13.72 -36.59 6.11
N GLN A 406 -13.02 -35.80 6.92
CA GLN A 406 -13.67 -34.70 7.63
C GLN A 406 -14.17 -33.65 6.64
N LEU A 407 -13.32 -33.25 5.70
CA LEU A 407 -13.75 -32.38 4.62
C LEU A 407 -14.90 -33.01 3.84
N LEU A 408 -14.79 -34.30 3.59
CA LEU A 408 -15.80 -35.03 2.82
C LEU A 408 -17.18 -35.00 3.48
N VAL A 409 -17.28 -35.62 4.66
CA VAL A 409 -18.53 -35.63 5.39
C VAL A 409 -19.09 -34.21 5.58
N LYS A 410 -18.19 -33.24 5.72
CA LYS A 410 -18.59 -31.85 5.87
C LYS A 410 -19.16 -31.29 4.57
N ALA A 411 -18.40 -31.42 3.48
CA ALA A 411 -18.81 -30.89 2.19
C ALA A 411 -20.12 -31.54 1.71
N HIS A 412 -20.25 -32.83 2.00
CA HIS A 412 -21.45 -33.56 1.60
C HIS A 412 -22.70 -33.10 2.36
N GLN A 413 -22.58 -32.92 3.67
CA GLN A 413 -23.73 -32.47 4.45
C GLN A 413 -24.10 -31.03 4.10
N ASP A 414 -23.09 -30.22 3.79
CA ASP A 414 -23.34 -28.85 3.35
C ASP A 414 -24.10 -28.85 2.03
N ALA A 415 -23.63 -29.68 1.09
CA ALA A 415 -24.30 -29.83 -0.19
C ALA A 415 -25.75 -30.25 0.02
N GLN A 416 -25.96 -31.25 0.86
CA GLN A 416 -27.31 -31.74 1.16
C GLN A 416 -28.21 -30.69 1.82
N ARG A 417 -27.61 -29.82 2.63
CA ARG A 417 -28.36 -28.75 3.28
C ARG A 417 -28.92 -27.77 2.26
N HIS A 418 -28.03 -27.19 1.45
CA HIS A 418 -28.40 -26.12 0.53
C HIS A 418 -29.26 -26.59 -0.65
N VAL A 419 -29.27 -27.89 -0.92
CA VAL A 419 -30.14 -28.42 -1.96
C VAL A 419 -31.55 -28.58 -1.43
N ALA A 420 -31.65 -28.82 -0.12
CA ALA A 420 -32.93 -28.94 0.56
C ALA A 420 -33.49 -27.55 0.88
N ALA A 421 -32.64 -26.54 0.72
CA ALA A 421 -33.01 -25.16 0.98
C ALA A 421 -33.00 -24.34 -0.31
N GLY A 422 -32.53 -24.95 -1.39
CA GLY A 422 -32.44 -24.28 -2.68
C GLY A 422 -31.64 -23.00 -2.64
N THR A 423 -30.70 -22.92 -1.68
CA THR A 423 -29.84 -21.75 -1.53
C THR A 423 -28.44 -22.05 -2.02
N GLN A 424 -27.58 -21.03 -2.02
CA GLN A 424 -26.19 -21.14 -2.45
C GLN A 424 -25.22 -21.11 -1.28
N GLN A 425 -24.27 -22.04 -1.26
CA GLN A 425 -23.28 -22.11 -0.20
C GLN A 425 -22.45 -20.82 -0.18
N PRO A 426 -22.59 -20.02 0.88
CA PRO A 426 -21.93 -18.71 0.99
C PRO A 426 -20.46 -18.81 1.40
N TYR A 427 -19.69 -17.77 1.09
CA TYR A 427 -18.30 -17.66 1.52
C TYR A 427 -17.40 -18.76 0.96
N THR A 428 -17.74 -19.26 -0.23
CA THR A 428 -16.89 -20.20 -0.94
C THR A 428 -16.49 -19.60 -2.29
N ASP A 429 -15.21 -19.24 -2.41
CA ASP A 429 -14.75 -18.43 -3.54
C ASP A 429 -14.81 -19.21 -4.87
N GLY A 430 -16.03 -19.42 -5.36
CA GLY A 430 -16.21 -20.09 -6.64
C GLY A 430 -16.16 -21.60 -6.51
N VAL A 431 -15.73 -22.08 -5.34
CA VAL A 431 -15.64 -23.51 -5.11
C VAL A 431 -16.98 -24.10 -4.65
N ARG A 432 -17.36 -25.22 -5.26
CA ARG A 432 -18.63 -25.86 -4.96
C ARG A 432 -18.42 -27.09 -4.09
N MET A 433 -19.26 -27.24 -3.06
CA MET A 433 -19.13 -28.35 -2.12
C MET A 433 -19.23 -29.71 -2.81
N GLU A 434 -19.85 -29.74 -3.98
CA GLU A 434 -19.87 -30.95 -4.79
C GLU A 434 -18.45 -31.27 -5.23
N GLU A 435 -17.78 -30.27 -5.80
CA GLU A 435 -16.41 -30.39 -6.25
C GLU A 435 -15.52 -31.00 -5.19
N ILE A 436 -15.75 -30.58 -3.94
CA ILE A 436 -14.99 -31.03 -2.78
C ILE A 436 -15.26 -32.49 -2.44
N VAL A 437 -16.51 -32.93 -2.57
CA VAL A 437 -16.86 -34.32 -2.34
C VAL A 437 -16.14 -35.19 -3.34
N GLU A 438 -16.29 -34.85 -4.62
CA GLU A 438 -15.59 -35.54 -5.70
C GLU A 438 -14.10 -35.62 -5.40
N GLY A 439 -13.50 -34.47 -5.13
CA GLY A 439 -12.08 -34.39 -4.82
C GLY A 439 -11.64 -35.30 -3.67
N CYS A 440 -12.40 -35.29 -2.59
CA CYS A 440 -12.06 -36.09 -1.42
C CYS A 440 -12.21 -37.58 -1.68
N THR A 441 -13.27 -37.95 -2.37
CA THR A 441 -13.51 -39.35 -2.70
C THR A 441 -12.46 -39.86 -3.68
N GLY A 442 -12.02 -38.98 -4.57
CA GLY A 442 -11.03 -39.33 -5.57
C GLY A 442 -9.67 -39.55 -4.95
N ALA A 443 -9.35 -38.76 -3.93
CA ALA A 443 -8.09 -38.91 -3.22
C ALA A 443 -8.08 -40.22 -2.44
N LEU A 444 -9.18 -40.47 -1.73
CA LEU A 444 -9.34 -41.71 -0.99
C LEU A 444 -9.28 -42.91 -1.93
N HIS A 445 -9.84 -42.74 -3.12
CA HIS A 445 -9.82 -43.78 -4.15
C HIS A 445 -8.40 -44.28 -4.39
N ILE A 446 -7.48 -43.34 -4.63
CA ILE A 446 -6.08 -43.67 -4.82
C ILE A 446 -5.48 -44.25 -3.53
N LEU A 447 -5.57 -43.48 -2.46
CA LEU A 447 -5.01 -43.87 -1.16
C LEU A 447 -5.45 -45.28 -0.76
N ALA A 448 -6.65 -45.67 -1.16
CA ALA A 448 -7.19 -46.97 -0.80
C ALA A 448 -6.51 -48.11 -1.57
N ARG A 449 -5.53 -47.76 -2.38
CA ARG A 449 -4.72 -48.77 -3.05
C ARG A 449 -3.84 -49.49 -2.02
N ASP A 450 -3.58 -48.80 -0.91
CA ASP A 450 -2.79 -49.35 0.19
C ASP A 450 -3.69 -50.02 1.22
N PRO A 451 -3.31 -51.23 1.67
CA PRO A 451 -4.10 -52.01 2.63
C PRO A 451 -4.26 -51.30 3.96
N MET A 452 -3.16 -50.76 4.48
CA MET A 452 -3.22 -50.02 5.74
C MET A 452 -4.23 -48.89 5.61
N ASN A 453 -4.24 -48.24 4.46
CA ASN A 453 -5.13 -47.12 4.23
C ASN A 453 -6.58 -47.56 4.01
N ARG A 454 -6.77 -48.81 3.58
CA ARG A 454 -8.11 -49.36 3.42
C ARG A 454 -8.81 -49.47 4.76
N MET A 455 -8.12 -50.04 5.74
CA MET A 455 -8.68 -50.22 7.08
C MET A 455 -9.05 -48.87 7.66
N GLU A 456 -8.15 -47.90 7.55
CA GLU A 456 -8.41 -46.53 7.95
C GLU A 456 -9.75 -46.07 7.40
N ILE A 457 -9.90 -46.14 6.09
CA ILE A 457 -11.13 -45.72 5.41
C ILE A 457 -12.35 -46.53 5.86
N PHE A 458 -12.11 -47.80 6.19
CA PHE A 458 -13.18 -48.70 6.59
C PHE A 458 -13.69 -48.42 8.00
N ARG A 459 -12.75 -48.35 8.95
CA ARG A 459 -13.09 -48.11 10.35
C ARG A 459 -13.78 -46.76 10.55
N LEU A 460 -13.63 -45.87 9.57
CA LEU A 460 -14.23 -44.54 9.64
C LEU A 460 -15.69 -44.56 9.18
N ASN A 461 -16.19 -45.75 8.85
CA ASN A 461 -17.59 -45.91 8.47
C ASN A 461 -17.97 -44.98 7.32
N THR A 462 -17.18 -45.02 6.25
CA THR A 462 -17.40 -44.17 5.10
C THR A 462 -18.10 -44.93 3.98
N ILE A 463 -18.29 -46.23 4.20
CA ILE A 463 -18.94 -47.08 3.20
C ILE A 463 -20.38 -46.64 2.88
N PRO A 464 -21.18 -46.35 3.92
CA PRO A 464 -22.56 -45.95 3.64
C PRO A 464 -22.64 -44.66 2.81
N LEU A 465 -21.64 -43.80 2.92
CA LEU A 465 -21.62 -42.53 2.19
C LEU A 465 -21.20 -42.71 0.73
N PHE A 466 -20.23 -43.58 0.50
CA PHE A 466 -19.76 -43.85 -0.85
C PHE A 466 -20.89 -44.46 -1.70
N VAL A 467 -21.72 -45.28 -1.06
CA VAL A 467 -22.83 -45.92 -1.74
C VAL A 467 -23.90 -44.89 -2.11
N GLN A 468 -24.08 -43.90 -1.25
CA GLN A 468 -25.06 -42.83 -1.50
C GLN A 468 -24.56 -41.97 -2.64
N LEU A 469 -23.26 -42.06 -2.92
CA LEU A 469 -22.65 -41.29 -3.99
C LEU A 469 -22.88 -41.94 -5.35
N LEU A 470 -23.19 -43.23 -5.36
CA LEU A 470 -23.47 -43.95 -6.59
C LEU A 470 -24.73 -43.41 -7.26
N TYR A 471 -25.60 -42.78 -6.46
CA TYR A 471 -26.85 -42.23 -6.97
C TYR A 471 -26.66 -40.81 -7.49
N SER A 472 -25.46 -40.27 -7.32
CA SER A 472 -25.18 -38.88 -7.69
C SER A 472 -25.39 -38.63 -9.18
N SER A 473 -25.91 -37.46 -9.51
CA SER A 473 -26.14 -37.08 -10.91
C SER A 473 -24.84 -36.60 -11.56
N VAL A 474 -23.78 -36.58 -10.78
CA VAL A 474 -22.45 -36.23 -11.26
C VAL A 474 -21.66 -37.49 -11.55
N GLU A 475 -21.52 -37.82 -12.83
CA GLU A 475 -20.82 -39.04 -13.22
C GLU A 475 -19.38 -38.98 -12.74
N ASN A 476 -18.87 -37.77 -12.62
CA ASN A 476 -17.50 -37.58 -12.17
C ASN A 476 -17.38 -38.01 -10.71
N ILE A 477 -18.51 -38.07 -10.02
CA ILE A 477 -18.56 -38.53 -8.64
C ILE A 477 -18.93 -40.01 -8.58
N GLN A 478 -19.83 -40.43 -9.47
CA GLN A 478 -20.21 -41.84 -9.57
C GLN A 478 -18.96 -42.70 -9.69
N ARG A 479 -18.02 -42.23 -10.50
CA ARG A 479 -16.80 -42.98 -10.81
C ARG A 479 -15.91 -43.21 -9.58
N VAL A 480 -15.52 -42.14 -8.91
CA VAL A 480 -14.65 -42.27 -7.74
C VAL A 480 -15.34 -42.99 -6.58
N ALA A 481 -16.65 -42.78 -6.46
CA ALA A 481 -17.43 -43.49 -5.45
C ALA A 481 -17.33 -44.99 -5.68
N ALA A 482 -17.49 -45.40 -6.93
CA ALA A 482 -17.42 -46.80 -7.31
C ALA A 482 -15.98 -47.29 -7.30
N GLY A 483 -15.06 -46.40 -7.61
CA GLY A 483 -13.65 -46.72 -7.62
C GLY A 483 -13.10 -47.06 -6.24
N VAL A 484 -13.38 -46.21 -5.26
CA VAL A 484 -12.90 -46.44 -3.90
C VAL A 484 -13.55 -47.68 -3.29
N LEU A 485 -14.81 -47.94 -3.67
CA LEU A 485 -15.51 -49.14 -3.22
C LEU A 485 -14.92 -50.37 -3.88
N CYS A 486 -14.39 -50.21 -5.09
CA CYS A 486 -13.76 -51.30 -5.81
C CYS A 486 -12.53 -51.78 -5.04
N GLU A 487 -11.69 -50.84 -4.64
CA GLU A 487 -10.50 -51.17 -3.85
C GLU A 487 -10.87 -51.64 -2.44
N LEU A 488 -11.97 -51.11 -1.91
CA LEU A 488 -12.44 -51.49 -0.58
C LEU A 488 -13.01 -52.91 -0.56
N ALA A 489 -13.61 -53.32 -1.66
CA ALA A 489 -14.32 -54.59 -1.74
C ALA A 489 -13.39 -55.78 -1.85
N GLN A 490 -12.09 -55.52 -2.00
CA GLN A 490 -11.13 -56.59 -2.18
C GLN A 490 -10.76 -57.25 -0.85
N ASP A 491 -11.33 -56.72 0.24
CA ASP A 491 -11.18 -57.32 1.55
C ASP A 491 -12.55 -57.80 2.03
N LYS A 492 -12.63 -59.08 2.39
CA LYS A 492 -13.91 -59.72 2.69
C LYS A 492 -14.79 -58.93 3.66
N GLU A 493 -14.30 -58.75 4.88
CA GLU A 493 -15.10 -58.11 5.92
C GLU A 493 -15.51 -56.70 5.52
N ALA A 494 -14.73 -56.08 4.64
CA ALA A 494 -15.06 -54.75 4.14
C ALA A 494 -16.11 -54.85 3.04
N ALA A 495 -16.07 -55.94 2.29
CA ALA A 495 -16.98 -56.16 1.16
C ALA A 495 -18.39 -56.49 1.63
N ASP A 496 -18.50 -57.22 2.74
CA ASP A 496 -19.80 -57.61 3.28
C ASP A 496 -20.62 -56.38 3.63
N ALA A 497 -19.95 -55.37 4.19
CA ALA A 497 -20.62 -54.14 4.59
C ALA A 497 -21.12 -53.35 3.39
N ILE A 498 -20.36 -53.37 2.30
CA ILE A 498 -20.76 -52.67 1.08
C ILE A 498 -22.00 -53.32 0.48
N ASP A 499 -22.18 -54.61 0.74
CA ASP A 499 -23.34 -55.34 0.27
C ASP A 499 -24.51 -55.14 1.21
N ALA A 500 -24.22 -55.01 2.50
CA ALA A 500 -25.25 -54.80 3.51
C ALA A 500 -25.91 -53.43 3.36
N GLU A 501 -25.28 -52.56 2.60
CA GLU A 501 -25.79 -51.21 2.39
C GLU A 501 -26.76 -51.18 1.22
N GLY A 502 -26.85 -52.29 0.50
CA GLY A 502 -27.74 -52.40 -0.65
C GLY A 502 -27.17 -51.72 -1.88
N ALA A 503 -25.87 -51.93 -2.12
CA ALA A 503 -25.19 -51.30 -3.24
C ALA A 503 -25.39 -52.09 -4.53
N SER A 504 -25.74 -53.36 -4.40
CA SER A 504 -25.92 -54.24 -5.54
C SER A 504 -26.88 -53.64 -6.58
N ALA A 505 -27.75 -52.75 -6.13
CA ALA A 505 -28.78 -52.18 -7.01
C ALA A 505 -28.29 -50.98 -7.82
N PRO A 506 -27.66 -49.98 -7.16
CA PRO A 506 -27.16 -48.81 -7.89
C PRO A 506 -25.99 -49.16 -8.81
N LEU A 507 -25.31 -50.27 -8.52
CA LEU A 507 -24.18 -50.71 -9.32
C LEU A 507 -24.62 -51.25 -10.68
N MET A 508 -25.76 -51.95 -10.69
CA MET A 508 -26.33 -52.46 -11.94
C MET A 508 -26.62 -51.32 -12.92
N GLU A 509 -26.91 -50.14 -12.38
CA GLU A 509 -27.19 -48.97 -13.19
C GLU A 509 -25.91 -48.43 -13.82
N LEU A 510 -24.81 -48.55 -13.09
CA LEU A 510 -23.54 -48.01 -13.53
C LEU A 510 -22.88 -48.86 -14.62
N LEU A 511 -23.23 -50.14 -14.68
CA LEU A 511 -22.73 -51.03 -15.72
C LEU A 511 -23.07 -50.48 -17.09
N HIS A 512 -24.23 -49.86 -17.20
CA HIS A 512 -24.67 -49.26 -18.46
C HIS A 512 -24.19 -47.82 -18.58
N SER A 513 -23.26 -47.43 -17.70
CA SER A 513 -22.75 -46.05 -17.69
C SER A 513 -21.96 -45.71 -18.95
N ARG A 514 -22.13 -44.49 -19.43
CA ARG A 514 -21.45 -44.04 -20.64
C ARG A 514 -19.97 -43.80 -20.38
N ASN A 515 -19.61 -43.73 -19.10
CA ASN A 515 -18.21 -43.64 -18.72
C ASN A 515 -17.69 -45.04 -18.40
N GLU A 516 -16.95 -45.62 -19.34
CA GLU A 516 -16.48 -47.00 -19.20
C GLU A 516 -15.59 -47.20 -17.97
N GLY A 517 -15.03 -46.12 -17.47
CA GLY A 517 -14.23 -46.17 -16.26
C GLY A 517 -15.07 -46.59 -15.06
N THR A 518 -16.12 -45.83 -14.80
CA THR A 518 -17.02 -46.14 -13.69
C THR A 518 -17.78 -47.45 -13.95
N ALA A 519 -17.94 -47.80 -15.22
CA ALA A 519 -18.61 -49.04 -15.60
C ALA A 519 -17.80 -50.27 -15.21
N THR A 520 -16.48 -50.13 -15.21
CA THR A 520 -15.60 -51.22 -14.81
C THR A 520 -15.51 -51.32 -13.29
N TYR A 521 -15.34 -50.18 -12.63
CA TYR A 521 -15.27 -50.15 -11.18
C TYR A 521 -16.51 -50.78 -10.56
N ALA A 522 -17.66 -50.53 -11.19
CA ALA A 522 -18.92 -51.10 -10.72
C ALA A 522 -18.87 -52.63 -10.73
N ALA A 523 -18.50 -53.18 -11.88
CA ALA A 523 -18.44 -54.63 -12.05
C ALA A 523 -17.47 -55.26 -11.05
N ALA A 524 -16.27 -54.71 -10.97
CA ALA A 524 -15.26 -55.21 -10.04
C ALA A 524 -15.78 -55.24 -8.61
N VAL A 525 -16.79 -54.42 -8.31
CA VAL A 525 -17.40 -54.42 -6.99
C VAL A 525 -18.41 -55.54 -6.87
N LEU A 526 -19.38 -55.56 -7.77
CA LEU A 526 -20.37 -56.62 -7.81
C LEU A 526 -19.70 -58.00 -7.77
N PHE A 527 -18.50 -58.07 -8.33
CA PHE A 527 -17.76 -59.33 -8.43
C PHE A 527 -17.07 -59.70 -7.12
N ARG A 528 -16.46 -58.71 -6.47
CA ARG A 528 -15.66 -58.97 -5.27
C ARG A 528 -16.53 -59.14 -4.01
N ILE A 529 -17.81 -58.81 -4.11
CA ILE A 529 -18.72 -58.96 -2.98
C ILE A 529 -19.48 -60.28 -3.06
N SER A 530 -19.40 -60.94 -4.21
CA SER A 530 -20.08 -62.21 -4.42
C SER A 530 -19.13 -63.39 -4.30
N GLU A 531 -17.84 -63.14 -4.49
CA GLU A 531 -16.83 -64.19 -4.41
C GLU A 531 -16.71 -64.72 -2.99
N ASP A 532 -16.70 -63.81 -2.02
CA ASP A 532 -16.58 -64.16 -0.62
C ASP A 532 -17.92 -64.69 -0.10
N LYS A 533 -18.95 -64.53 -0.93
CA LYS A 533 -20.32 -64.90 -0.57
C LYS A 533 -20.83 -65.93 -1.56
N ASN A 534 -19.96 -66.86 -1.93
CA ASN A 534 -20.27 -67.81 -3.00
C ASN A 534 -20.56 -69.23 -2.51
N PRO A 535 -21.86 -69.56 -2.36
CA PRO A 535 -22.28 -70.93 -2.07
C PRO A 535 -22.21 -71.79 -3.32
N ARG A 538 -23.17 -65.46 -6.78
CA ARG A 538 -21.97 -64.92 -7.43
C ARG A 538 -22.04 -65.11 -8.94
N LYS A 539 -22.63 -66.22 -9.35
CA LYS A 539 -22.76 -66.56 -10.76
C LYS A 539 -23.72 -65.62 -11.47
N ARG A 540 -24.77 -65.23 -10.76
CA ARG A 540 -25.88 -64.48 -11.35
C ARG A 540 -25.48 -63.06 -11.77
N VAL A 541 -24.47 -62.51 -11.13
CA VAL A 541 -24.01 -61.18 -11.48
C VAL A 541 -23.20 -61.20 -12.78
N SER A 542 -22.39 -62.23 -12.97
CA SER A 542 -21.58 -62.36 -14.17
C SER A 542 -22.46 -62.55 -15.40
N VAL A 543 -23.61 -63.20 -15.23
CA VAL A 543 -24.56 -63.37 -16.32
C VAL A 543 -25.17 -62.03 -16.71
N GLU A 544 -25.24 -61.11 -15.75
CA GLU A 544 -25.78 -59.78 -15.99
C GLU A 544 -24.81 -58.91 -16.79
N LEU A 545 -23.52 -59.08 -16.54
CA LEU A 545 -22.50 -58.28 -17.19
C LEU A 545 -22.08 -58.85 -18.55
N THR A 546 -22.68 -59.97 -18.93
CA THR A 546 -22.37 -60.58 -20.21
C THR A 546 -23.58 -60.59 -21.15
N ASN A 547 -24.73 -60.99 -20.62
CA ASN A 547 -25.94 -61.12 -21.44
C ASN A 547 -26.65 -59.79 -21.68
N SER A 548 -26.04 -58.93 -22.49
CA SER A 548 -26.58 -57.60 -22.77
C SER A 548 -26.04 -57.02 -24.07
N LEU A 549 -26.89 -56.32 -24.80
CA LEU A 549 -26.47 -55.62 -26.01
C LEU A 549 -26.70 -54.13 -25.89
N PHE A 550 -25.77 -53.35 -26.45
CA PHE A 550 -25.87 -51.88 -26.45
C PHE A 550 -25.82 -51.28 -25.05
N ALA B 3 -11.71 -36.46 17.51
CA ALA B 3 -12.53 -36.17 16.35
C ALA B 3 -12.81 -37.43 15.51
N ILE B 4 -12.17 -38.54 15.87
CA ILE B 4 -12.32 -39.78 15.11
C ILE B 4 -13.67 -40.46 15.33
N VAL B 5 -14.22 -40.31 16.52
CA VAL B 5 -15.52 -40.89 16.82
C VAL B 5 -16.63 -40.12 16.11
N HIS B 6 -16.53 -38.79 16.15
CA HIS B 6 -17.54 -37.93 15.55
C HIS B 6 -17.62 -38.11 14.04
N LEU B 7 -16.54 -38.58 13.43
CA LEU B 7 -16.51 -38.87 12.01
C LEU B 7 -17.31 -40.12 11.69
N ILE B 8 -17.25 -41.11 12.57
CA ILE B 8 -17.90 -42.39 12.32
C ILE B 8 -19.42 -42.23 12.23
N ASN B 9 -20.02 -41.60 13.23
CA ASN B 9 -21.45 -41.38 13.24
C ASN B 9 -21.83 -39.97 12.78
N TYR B 10 -20.99 -39.37 11.94
CA TYR B 10 -21.18 -38.00 11.49
C TYR B 10 -22.49 -37.78 10.75
N GLN B 11 -22.75 -38.59 9.74
CA GLN B 11 -23.96 -38.44 8.94
C GLN B 11 -25.18 -38.71 9.81
N ASP B 12 -25.03 -39.59 10.79
CA ASP B 12 -26.11 -39.89 11.73
C ASP B 12 -26.39 -38.71 12.65
N ASP B 13 -25.32 -38.19 13.26
CA ASP B 13 -25.44 -37.03 14.15
C ASP B 13 -26.05 -35.83 13.43
N ALA B 14 -25.52 -35.52 12.25
CA ALA B 14 -26.01 -34.41 11.46
C ALA B 14 -27.51 -34.55 11.15
N GLU B 15 -27.89 -35.71 10.64
CA GLU B 15 -29.26 -35.96 10.23
C GLU B 15 -30.18 -36.08 11.44
N LEU B 16 -29.64 -36.61 12.54
CA LEU B 16 -30.39 -36.76 13.77
C LEU B 16 -30.72 -35.39 14.37
N ALA B 17 -29.74 -34.49 14.35
CA ALA B 17 -29.95 -33.14 14.85
C ALA B 17 -30.88 -32.35 13.94
N THR B 18 -30.74 -32.55 12.64
CA THR B 18 -31.59 -31.86 11.67
C THR B 18 -33.06 -32.17 11.90
N ARG B 19 -33.37 -33.44 12.10
CA ARG B 19 -34.75 -33.86 12.30
C ARG B 19 -35.21 -33.61 13.74
N ALA B 20 -34.44 -32.81 14.47
CA ALA B 20 -34.76 -32.48 15.85
C ALA B 20 -34.82 -30.97 16.06
N LEU B 21 -34.56 -30.21 15.00
CA LEU B 21 -34.56 -28.76 15.07
C LEU B 21 -35.94 -28.20 15.41
N PRO B 22 -36.97 -28.59 14.65
CA PRO B 22 -38.32 -28.07 14.96
C PRO B 22 -38.65 -28.27 16.44
N GLU B 23 -38.30 -29.43 16.99
CA GLU B 23 -38.54 -29.71 18.41
C GLU B 23 -37.71 -28.80 19.32
N LEU B 24 -36.41 -28.71 19.05
CA LEU B 24 -35.53 -27.86 19.84
C LEU B 24 -35.90 -26.38 19.69
N THR B 25 -36.37 -26.01 18.50
CA THR B 25 -36.81 -24.64 18.27
C THR B 25 -38.15 -24.42 18.94
N LYS B 26 -38.93 -25.49 19.01
CA LYS B 26 -40.25 -25.43 19.64
C LYS B 26 -40.12 -25.17 21.14
N LEU B 27 -39.34 -26.01 21.82
CA LEU B 27 -39.13 -25.87 23.26
C LEU B 27 -38.45 -24.56 23.61
N LEU B 28 -37.38 -24.25 22.89
CA LEU B 28 -36.60 -23.04 23.15
C LEU B 28 -37.48 -21.79 23.03
N ASN B 29 -38.52 -21.87 22.21
CA ASN B 29 -39.46 -20.76 22.05
C ASN B 29 -40.57 -20.81 23.08
N ASP B 30 -40.99 -22.02 23.44
CA ASP B 30 -42.00 -22.21 24.48
C ASP B 30 -41.57 -21.47 25.73
N GLU B 31 -42.22 -20.37 26.02
CA GLU B 31 -41.73 -19.47 27.07
C GLU B 31 -42.13 -19.85 28.49
N ASP B 32 -41.27 -20.66 29.10
CA ASP B 32 -41.30 -20.91 30.53
C ASP B 32 -39.94 -21.49 30.90
N PRO B 33 -39.05 -20.64 31.40
CA PRO B 33 -37.60 -20.84 31.62
C PRO B 33 -37.19 -22.26 32.00
N VAL B 34 -37.93 -22.90 32.90
CA VAL B 34 -37.55 -24.24 33.34
C VAL B 34 -37.29 -25.16 32.15
N VAL B 35 -38.11 -25.02 31.11
CA VAL B 35 -37.94 -25.81 29.89
C VAL B 35 -36.93 -25.16 28.95
N VAL B 36 -37.09 -23.86 28.71
CA VAL B 36 -36.17 -23.10 27.87
C VAL B 36 -34.72 -23.28 28.30
N THR B 37 -34.48 -23.19 29.60
CA THR B 37 -33.13 -23.34 30.14
C THR B 37 -32.62 -24.75 29.86
N LYS B 38 -33.49 -25.74 29.98
CA LYS B 38 -33.13 -27.13 29.71
C LYS B 38 -33.01 -27.37 28.20
N ALA B 39 -33.65 -26.51 27.42
CA ALA B 39 -33.60 -26.60 25.97
C ALA B 39 -32.28 -26.04 25.45
N ALA B 40 -31.91 -24.87 25.94
CA ALA B 40 -30.64 -24.26 25.59
C ALA B 40 -29.47 -25.05 26.15
N MET B 41 -29.75 -25.94 27.09
CA MET B 41 -28.70 -26.79 27.65
C MET B 41 -28.31 -27.89 26.68
N ILE B 42 -29.31 -28.53 26.08
CA ILE B 42 -29.07 -29.60 25.14
C ILE B 42 -28.59 -29.05 23.79
N VAL B 43 -29.12 -27.90 23.40
CA VAL B 43 -28.66 -27.21 22.19
C VAL B 43 -27.19 -26.82 22.35
N ASN B 44 -26.82 -26.42 23.56
CA ASN B 44 -25.44 -26.09 23.86
C ASN B 44 -24.55 -27.31 23.73
N GLN B 45 -25.07 -28.47 24.11
CA GLN B 45 -24.30 -29.70 23.98
C GLN B 45 -24.20 -30.15 22.52
N LEU B 46 -25.25 -29.89 21.76
CA LEU B 46 -25.24 -30.24 20.34
C LEU B 46 -24.28 -29.35 19.57
N SER B 47 -24.12 -28.12 20.05
CA SER B 47 -23.28 -27.14 19.38
C SER B 47 -21.80 -27.43 19.63
N LYS B 48 -21.53 -28.37 20.53
CA LYS B 48 -20.15 -28.75 20.82
C LYS B 48 -19.59 -29.73 19.78
N LYS B 49 -20.48 -30.41 19.07
CA LYS B 49 -20.09 -31.30 17.98
C LYS B 49 -20.24 -30.60 16.63
N GLU B 50 -19.35 -30.91 15.68
CA GLU B 50 -19.46 -30.35 14.34
C GLU B 50 -20.72 -30.79 13.62
N ALA B 51 -20.90 -32.11 13.50
CA ALA B 51 -22.03 -32.66 12.76
C ALA B 51 -23.33 -31.97 13.09
N SER B 52 -23.57 -31.72 14.37
CA SER B 52 -24.81 -31.09 14.81
C SER B 52 -24.72 -29.57 14.86
N ARG B 53 -23.51 -29.04 15.05
CA ARG B 53 -23.30 -27.59 15.06
C ARG B 53 -23.72 -26.97 13.73
N ARG B 54 -23.28 -27.59 12.64
CA ARG B 54 -23.57 -27.06 11.31
C ARG B 54 -25.06 -27.16 10.99
N ALA B 55 -25.70 -28.21 11.48
CA ALA B 55 -27.14 -28.32 11.40
C ALA B 55 -27.80 -27.14 12.13
N LEU B 56 -27.28 -26.80 13.31
CA LEU B 56 -27.84 -25.73 14.12
C LEU B 56 -27.70 -24.37 13.45
N MET B 57 -26.53 -24.11 12.88
CA MET B 57 -26.28 -22.83 12.22
C MET B 57 -27.04 -22.76 10.90
N GLY B 58 -27.39 -23.91 10.35
CA GLY B 58 -28.09 -23.98 9.08
C GLY B 58 -29.52 -23.50 9.15
N SER B 59 -30.13 -23.65 10.32
CA SER B 59 -31.51 -23.23 10.53
C SER B 59 -31.58 -21.83 11.12
N PRO B 60 -32.20 -20.88 10.39
CA PRO B 60 -32.35 -19.52 10.88
C PRO B 60 -33.26 -19.46 12.10
N GLN B 61 -34.18 -20.40 12.19
CA GLN B 61 -35.16 -20.45 13.27
C GLN B 61 -34.51 -20.67 14.63
N LEU B 62 -33.62 -21.66 14.71
CA LEU B 62 -32.94 -21.97 15.97
C LEU B 62 -32.06 -20.81 16.41
N VAL B 63 -31.31 -20.25 15.47
CA VAL B 63 -30.42 -19.13 15.76
C VAL B 63 -31.19 -17.91 16.29
N ALA B 64 -32.30 -17.58 15.63
CA ALA B 64 -33.15 -16.48 16.06
C ALA B 64 -33.73 -16.78 17.45
N ALA B 65 -34.09 -18.04 17.68
CA ALA B 65 -34.66 -18.45 18.95
C ALA B 65 -33.65 -18.29 20.08
N VAL B 66 -32.44 -18.78 19.84
CA VAL B 66 -31.36 -18.66 20.82
C VAL B 66 -31.05 -17.21 21.11
N VAL B 67 -30.88 -16.41 20.05
CA VAL B 67 -30.57 -15.00 20.21
C VAL B 67 -31.59 -14.31 21.12
N ARG B 68 -32.87 -14.43 20.79
CA ARG B 68 -33.92 -13.81 21.58
C ARG B 68 -33.86 -14.26 23.04
N THR B 69 -33.76 -15.58 23.24
CA THR B 69 -33.69 -16.13 24.59
C THR B 69 -32.52 -15.54 25.37
N MET B 70 -31.43 -15.21 24.66
CA MET B 70 -30.23 -14.71 25.31
C MET B 70 -30.46 -13.34 25.94
N GLN B 71 -30.96 -12.40 25.14
CA GLN B 71 -31.11 -11.03 25.61
C GLN B 71 -32.37 -10.83 26.45
N ASN B 72 -32.92 -11.94 26.93
CA ASN B 72 -34.08 -11.89 27.81
C ASN B 72 -33.76 -12.52 29.15
N THR B 73 -33.54 -13.83 29.14
CA THR B 73 -33.27 -14.58 30.36
C THR B 73 -32.36 -13.81 31.30
N SER B 74 -32.55 -14.01 32.60
CA SER B 74 -31.68 -13.41 33.60
C SER B 74 -30.96 -14.51 34.36
N ASP B 75 -31.40 -15.75 34.14
CA ASP B 75 -30.74 -16.89 34.75
C ASP B 75 -29.34 -17.01 34.17
N LEU B 76 -28.33 -16.88 35.02
CA LEU B 76 -26.96 -17.02 34.58
C LEU B 76 -26.81 -18.30 33.75
N ASP B 77 -27.32 -19.40 34.28
CA ASP B 77 -27.26 -20.69 33.59
C ASP B 77 -27.75 -20.56 32.15
N THR B 78 -28.94 -19.98 31.97
CA THR B 78 -29.54 -19.80 30.65
C THR B 78 -28.75 -18.80 29.80
N ALA B 79 -28.39 -17.67 30.38
CA ALA B 79 -27.65 -16.65 29.66
C ALA B 79 -26.20 -17.06 29.45
N ARG B 80 -25.80 -18.18 30.05
CA ARG B 80 -24.48 -18.73 29.83
C ARG B 80 -24.56 -19.88 28.84
N CYS B 81 -25.72 -20.52 28.83
CA CYS B 81 -25.96 -21.66 27.95
C CYS B 81 -26.24 -21.18 26.52
N THR B 82 -26.87 -20.02 26.41
CA THR B 82 -27.21 -19.45 25.10
C THR B 82 -26.08 -18.57 24.59
N THR B 83 -25.24 -18.12 25.51
CA THR B 83 -24.11 -17.28 25.15
C THR B 83 -22.98 -18.13 24.60
N SER B 84 -23.01 -19.42 24.94
CA SER B 84 -21.96 -20.35 24.50
C SER B 84 -22.27 -20.97 23.13
N ILE B 85 -23.55 -21.17 22.83
CA ILE B 85 -23.92 -21.65 21.51
C ILE B 85 -23.55 -20.65 20.43
N LEU B 86 -23.96 -19.39 20.63
CA LEU B 86 -23.60 -18.35 19.68
C LEU B 86 -22.08 -18.29 19.49
N HIS B 87 -21.36 -18.31 20.60
CA HIS B 87 -19.90 -18.38 20.52
C HIS B 87 -19.48 -19.50 19.59
N ASN B 88 -20.03 -20.69 19.82
CA ASN B 88 -19.71 -21.86 19.01
C ASN B 88 -20.04 -21.64 17.54
N LEU B 89 -21.25 -21.17 17.28
CA LEU B 89 -21.74 -20.95 15.92
C LEU B 89 -20.95 -19.87 15.21
N SER B 90 -20.28 -19.00 15.98
CA SER B 90 -19.54 -17.91 15.38
C SER B 90 -18.23 -18.40 14.79
N HIS B 91 -17.95 -19.69 14.99
CA HIS B 91 -16.75 -20.30 14.44
C HIS B 91 -16.94 -20.68 12.98
N HIS B 92 -18.08 -20.28 12.41
CA HIS B 92 -18.42 -20.62 11.04
C HIS B 92 -19.03 -19.41 10.34
N ARG B 93 -18.52 -19.10 9.15
CA ARG B 93 -19.00 -17.93 8.40
C ARG B 93 -20.52 -17.95 8.27
N GLU B 94 -21.08 -19.12 8.00
CA GLU B 94 -22.52 -19.26 7.93
C GLU B 94 -23.18 -19.01 9.27
N GLY B 95 -22.43 -19.30 10.34
CA GLY B 95 -22.92 -19.06 11.70
C GLY B 95 -22.88 -17.60 12.07
N LEU B 96 -21.78 -16.93 11.73
CA LEU B 96 -21.65 -15.49 11.92
C LEU B 96 -22.80 -14.77 11.21
N LEU B 97 -23.03 -15.11 9.95
CA LEU B 97 -24.07 -14.46 9.16
C LEU B 97 -25.46 -14.67 9.75
N ALA B 98 -25.72 -15.89 10.22
CA ALA B 98 -27.01 -16.17 10.86
C ALA B 98 -27.18 -15.33 12.12
N ILE B 99 -26.15 -15.34 12.96
CA ILE B 99 -26.16 -14.52 14.18
C ILE B 99 -26.40 -13.05 13.86
N PHE B 100 -25.67 -12.54 12.88
CA PHE B 100 -25.77 -11.15 12.44
C PHE B 100 -27.21 -10.80 12.04
N LYS B 101 -27.81 -11.66 11.21
CA LYS B 101 -29.16 -11.42 10.67
C LYS B 101 -30.25 -11.58 11.72
N SER B 102 -29.98 -12.38 12.75
CA SER B 102 -30.93 -12.59 13.84
C SER B 102 -30.87 -11.43 14.84
N GLY B 103 -30.01 -10.46 14.56
CA GLY B 103 -29.80 -9.35 15.47
C GLY B 103 -29.11 -9.80 16.74
N GLY B 104 -28.17 -10.72 16.61
CA GLY B 104 -27.45 -11.25 17.75
C GLY B 104 -26.54 -10.20 18.39
N ILE B 105 -26.15 -9.21 17.61
CA ILE B 105 -25.22 -8.17 18.10
C ILE B 105 -25.73 -7.41 19.33
N PRO B 106 -26.94 -6.83 19.25
CA PRO B 106 -27.49 -6.15 20.42
C PRO B 106 -27.57 -7.07 21.63
N ALA B 107 -28.17 -8.24 21.45
CA ALA B 107 -28.28 -9.22 22.50
C ALA B 107 -26.92 -9.47 23.16
N LEU B 108 -25.90 -9.66 22.34
CA LEU B 108 -24.55 -9.93 22.84
C LEU B 108 -23.93 -8.74 23.57
N VAL B 109 -24.23 -7.53 23.08
CA VAL B 109 -23.76 -6.33 23.74
C VAL B 109 -24.32 -6.25 25.15
N ARG B 110 -25.61 -6.58 25.28
CA ARG B 110 -26.29 -6.58 26.57
C ARG B 110 -25.56 -7.49 27.57
N MET B 111 -24.97 -8.56 27.06
CA MET B 111 -24.30 -9.52 27.93
C MET B 111 -22.94 -9.03 28.42
N LEU B 112 -22.53 -7.85 27.96
CA LEU B 112 -21.25 -7.27 28.38
C LEU B 112 -21.40 -6.52 29.71
N SER B 113 -22.55 -6.69 30.35
CA SER B 113 -22.77 -6.18 31.70
C SER B 113 -22.39 -7.21 32.76
N SER B 114 -22.79 -8.46 32.54
CA SER B 114 -22.52 -9.52 33.50
C SER B 114 -21.05 -9.53 33.93
N PRO B 115 -20.81 -9.67 35.24
CA PRO B 115 -19.46 -9.75 35.82
C PRO B 115 -18.92 -11.17 35.81
N VAL B 116 -19.58 -12.06 35.07
CA VAL B 116 -19.19 -13.47 35.07
C VAL B 116 -18.21 -13.81 33.95
N GLU B 117 -17.11 -14.49 34.30
CA GLU B 117 -16.12 -14.91 33.31
C GLU B 117 -16.77 -15.50 32.06
N SER B 118 -17.34 -16.69 32.21
CA SER B 118 -17.93 -17.42 31.08
C SER B 118 -18.75 -16.51 30.17
N VAL B 119 -19.89 -16.05 30.69
CA VAL B 119 -20.76 -15.17 29.94
C VAL B 119 -19.98 -14.09 29.19
N LEU B 120 -19.07 -13.42 29.88
CA LEU B 120 -18.30 -12.33 29.30
C LEU B 120 -17.37 -12.83 28.19
N PHE B 121 -16.73 -13.96 28.44
CA PHE B 121 -15.79 -14.56 27.50
C PHE B 121 -16.47 -14.99 26.21
N TYR B 122 -17.61 -15.65 26.37
CA TYR B 122 -18.38 -16.10 25.21
C TYR B 122 -18.92 -14.89 24.45
N ALA B 123 -19.35 -13.87 25.19
CA ALA B 123 -19.94 -12.69 24.57
C ALA B 123 -18.93 -11.91 23.74
N ILE B 124 -17.71 -11.77 24.25
CA ILE B 124 -16.71 -10.97 23.56
C ILE B 124 -16.10 -11.71 22.37
N THR B 125 -15.74 -12.99 22.56
CA THR B 125 -15.14 -13.77 21.48
C THR B 125 -16.09 -13.88 20.30
N THR B 126 -17.38 -13.73 20.57
CA THR B 126 -18.38 -13.84 19.52
C THR B 126 -18.54 -12.51 18.79
N LEU B 127 -18.46 -11.40 19.54
CA LEU B 127 -18.49 -10.08 18.93
C LEU B 127 -17.20 -9.85 18.13
N HIS B 128 -16.09 -10.36 18.66
CA HIS B 128 -14.81 -10.27 17.98
C HIS B 128 -14.90 -10.93 16.62
N ASN B 129 -15.41 -12.15 16.60
CA ASN B 129 -15.58 -12.89 15.36
C ASN B 129 -16.49 -12.17 14.38
N LEU B 130 -17.43 -11.38 14.91
CA LEU B 130 -18.33 -10.61 14.06
C LEU B 130 -17.63 -9.38 13.49
N LEU B 131 -16.60 -8.92 14.18
CA LEU B 131 -15.88 -7.72 13.77
C LEU B 131 -14.72 -8.07 12.85
N LEU B 132 -14.31 -9.33 12.87
CA LEU B 132 -13.21 -9.78 12.05
C LEU B 132 -13.67 -10.29 10.68
N TYR B 133 -14.91 -10.73 10.58
CA TYR B 133 -15.37 -11.38 9.37
C TYR B 133 -16.72 -10.88 8.84
N GLN B 134 -17.78 -11.07 9.63
CA GLN B 134 -19.11 -10.67 9.20
C GLN B 134 -19.20 -9.18 8.91
N GLU B 135 -19.40 -8.83 7.64
CA GLU B 135 -19.42 -7.43 7.24
C GLU B 135 -20.75 -6.75 7.55
N GLY B 136 -20.67 -5.46 7.87
CA GLY B 136 -21.83 -4.71 8.33
C GLY B 136 -21.96 -4.77 9.84
N ALA B 137 -21.09 -5.56 10.47
CA ALA B 137 -21.12 -5.70 11.92
C ALA B 137 -20.64 -4.43 12.61
N LYS B 138 -19.54 -3.86 12.14
CA LYS B 138 -18.98 -2.66 12.73
C LYS B 138 -20.05 -1.59 12.98
N MET B 139 -20.69 -1.11 11.92
CA MET B 139 -21.68 -0.04 12.07
C MET B 139 -22.90 -0.53 12.85
N ALA B 140 -22.99 -1.85 13.03
CA ALA B 140 -24.09 -2.45 13.78
C ALA B 140 -23.78 -2.45 15.27
N VAL B 141 -22.51 -2.66 15.61
CA VAL B 141 -22.08 -2.63 17.00
C VAL B 141 -22.05 -1.20 17.52
N ARG B 142 -21.65 -0.26 16.67
CA ARG B 142 -21.64 1.14 17.06
C ARG B 142 -23.04 1.62 17.42
N LEU B 143 -24.04 1.07 16.74
CA LEU B 143 -25.43 1.43 16.97
C LEU B 143 -25.94 0.80 18.26
N ALA B 144 -25.39 -0.36 18.60
CA ALA B 144 -25.76 -1.06 19.83
C ALA B 144 -24.95 -0.57 21.02
N ASP B 145 -24.29 0.57 20.85
CA ASP B 145 -23.51 1.20 21.91
C ASP B 145 -22.48 0.22 22.50
N GLY B 146 -21.95 -0.65 21.66
CA GLY B 146 -20.94 -1.60 22.10
C GLY B 146 -19.81 -0.93 22.86
N LEU B 147 -19.19 0.05 22.22
CA LEU B 147 -18.06 0.79 22.80
C LEU B 147 -18.30 1.14 24.25
N GLN B 148 -19.46 1.70 24.53
CA GLN B 148 -19.81 2.16 25.88
C GLN B 148 -19.74 1.03 26.90
N LYS B 149 -19.93 -0.21 26.44
CA LYS B 149 -19.94 -1.36 27.33
C LYS B 149 -18.65 -2.17 27.27
N MET B 150 -17.80 -1.84 26.30
CA MET B 150 -16.52 -2.53 26.13
C MET B 150 -15.40 -1.86 26.90
N VAL B 151 -15.42 -0.52 26.94
CA VAL B 151 -14.37 0.24 27.61
C VAL B 151 -14.32 0.03 29.13
N PRO B 152 -15.50 -0.05 29.79
CA PRO B 152 -15.51 -0.43 31.21
C PRO B 152 -15.05 -1.86 31.43
N LEU B 153 -14.81 -2.60 30.35
CA LEU B 153 -14.30 -3.96 30.44
C LEU B 153 -12.78 -3.99 30.48
N LEU B 154 -12.17 -2.85 30.18
CA LEU B 154 -10.71 -2.74 30.16
C LEU B 154 -10.08 -2.87 31.54
N ASN B 155 -10.90 -3.01 32.58
CA ASN B 155 -10.37 -3.15 33.93
C ASN B 155 -10.35 -4.60 34.44
N LYS B 156 -10.88 -5.52 33.64
CA LYS B 156 -10.83 -6.94 33.99
C LYS B 156 -9.39 -7.43 34.00
N ASN B 157 -9.04 -8.22 35.01
CA ASN B 157 -7.65 -8.64 35.22
C ASN B 157 -7.29 -9.89 34.44
N ASN B 158 -7.68 -9.93 33.17
CA ASN B 158 -7.38 -11.09 32.32
C ASN B 158 -6.81 -10.70 30.96
N PRO B 159 -5.49 -10.84 30.80
CA PRO B 159 -4.74 -10.41 29.62
C PRO B 159 -5.27 -11.00 28.31
N LYS B 160 -5.63 -12.28 28.31
CA LYS B 160 -6.21 -12.90 27.13
C LYS B 160 -7.52 -12.22 26.76
N PHE B 161 -8.37 -12.01 27.76
CA PHE B 161 -9.64 -11.34 27.55
C PHE B 161 -9.45 -9.91 27.07
N LEU B 162 -8.41 -9.25 27.61
CA LEU B 162 -8.15 -7.86 27.28
C LEU B 162 -7.67 -7.68 25.85
N ALA B 163 -6.86 -8.63 25.38
CA ALA B 163 -6.37 -8.61 24.01
C ALA B 163 -7.53 -8.55 23.02
N ILE B 164 -8.54 -9.38 23.27
CA ILE B 164 -9.70 -9.45 22.39
C ILE B 164 -10.50 -8.15 22.45
N THR B 165 -10.77 -7.69 23.67
CA THR B 165 -11.53 -6.47 23.87
C THR B 165 -10.86 -5.27 23.21
N THR B 166 -9.56 -5.10 23.44
CA THR B 166 -8.84 -4.00 22.83
C THR B 166 -8.96 -4.06 21.31
N ASP B 167 -8.75 -5.24 20.73
CA ASP B 167 -8.84 -5.38 19.28
C ASP B 167 -10.22 -4.98 18.78
N CYS B 168 -11.26 -5.38 19.51
CA CYS B 168 -12.62 -5.01 19.16
C CYS B 168 -12.75 -3.51 19.02
N LEU B 169 -12.18 -2.80 20.00
CA LEU B 169 -12.15 -1.34 19.97
C LEU B 169 -11.39 -0.85 18.73
N GLN B 170 -10.25 -1.47 18.47
CA GLN B 170 -9.44 -1.12 17.31
C GLN B 170 -10.27 -1.19 16.02
N LEU B 171 -10.90 -2.33 15.80
CA LEU B 171 -11.72 -2.53 14.60
C LEU B 171 -12.83 -1.50 14.50
N LEU B 172 -13.46 -1.20 15.63
CA LEU B 172 -14.57 -0.26 15.66
C LEU B 172 -14.09 1.18 15.51
N ALA B 173 -12.90 1.46 16.03
CA ALA B 173 -12.37 2.83 16.03
C ALA B 173 -11.79 3.22 14.69
N TYR B 174 -11.23 2.25 13.97
CA TYR B 174 -10.56 2.53 12.71
C TYR B 174 -11.52 3.09 11.66
N GLY B 175 -11.11 4.20 11.05
CA GLY B 175 -11.88 4.83 9.98
C GLY B 175 -13.18 5.45 10.44
N ASN B 176 -13.35 5.61 11.75
CA ASN B 176 -14.57 6.19 12.29
C ASN B 176 -14.33 7.31 13.30
N GLN B 177 -14.36 8.55 12.83
CA GLN B 177 -14.12 9.71 13.67
C GLN B 177 -15.02 9.75 14.91
N GLU B 178 -16.29 9.41 14.73
CA GLU B 178 -17.26 9.44 15.82
C GLU B 178 -16.97 8.34 16.84
N SER B 179 -16.60 7.16 16.35
CA SER B 179 -16.29 6.03 17.22
C SER B 179 -15.11 6.35 18.13
N LYS B 180 -14.19 7.18 17.64
CA LYS B 180 -13.02 7.58 18.42
C LYS B 180 -13.42 8.51 19.57
N LEU B 181 -14.39 9.39 19.31
CA LEU B 181 -14.85 10.36 20.31
C LEU B 181 -15.57 9.70 21.47
N ILE B 182 -16.36 8.66 21.15
CA ILE B 182 -17.10 7.93 22.17
C ILE B 182 -16.12 7.30 23.16
N ILE B 183 -15.12 6.63 22.63
CA ILE B 183 -14.11 5.97 23.44
C ILE B 183 -13.47 6.96 24.42
N LEU B 184 -13.28 8.19 23.95
CA LEU B 184 -12.72 9.23 24.81
C LEU B 184 -13.65 9.53 25.99
N ALA B 185 -14.93 9.72 25.69
CA ALA B 185 -15.91 10.03 26.73
C ALA B 185 -15.97 8.97 27.83
N ASN B 186 -15.61 7.74 27.48
CA ASN B 186 -15.72 6.63 28.42
C ASN B 186 -14.43 6.29 29.16
N GLY B 187 -13.45 7.18 29.07
CA GLY B 187 -12.18 6.97 29.75
C GLY B 187 -11.32 5.94 29.05
N GLY B 188 -11.42 5.90 27.72
CA GLY B 188 -10.64 4.97 26.92
C GLY B 188 -9.15 5.17 27.03
N PRO B 189 -8.66 6.37 26.69
CA PRO B 189 -7.22 6.64 26.73
C PRO B 189 -6.58 6.20 28.04
N GLN B 190 -7.09 6.68 29.17
CA GLN B 190 -6.52 6.36 30.48
C GLN B 190 -6.51 4.86 30.73
N ALA B 191 -7.61 4.19 30.36
CA ALA B 191 -7.73 2.75 30.57
C ALA B 191 -6.73 1.99 29.71
N LEU B 192 -6.58 2.43 28.46
CA LEU B 192 -5.64 1.81 27.53
C LEU B 192 -4.20 2.07 27.97
N VAL B 193 -3.93 3.29 28.44
CA VAL B 193 -2.58 3.65 28.84
C VAL B 193 -2.18 2.95 30.12
N GLN B 194 -3.16 2.57 30.93
CA GLN B 194 -2.88 1.78 32.12
C GLN B 194 -2.44 0.37 31.73
N ILE B 195 -3.14 -0.20 30.74
CA ILE B 195 -2.76 -1.48 30.17
C ILE B 195 -1.28 -1.50 29.80
N MET B 196 -0.81 -0.40 29.20
CA MET B 196 0.57 -0.31 28.75
C MET B 196 1.56 -0.23 29.91
N ARG B 197 1.11 0.26 31.05
CA ARG B 197 2.00 0.39 32.21
C ARG B 197 2.03 -0.86 33.08
N ASN B 198 0.98 -1.67 33.00
CA ASN B 198 0.81 -2.77 33.95
C ASN B 198 1.09 -4.18 33.40
N TYR B 199 0.69 -4.44 32.16
CA TYR B 199 0.80 -5.79 31.62
C TYR B 199 2.08 -6.05 30.83
N SER B 200 2.51 -7.32 30.83
CA SER B 200 3.71 -7.73 30.11
C SER B 200 3.34 -8.60 28.92
N TYR B 201 2.13 -9.15 28.95
CA TYR B 201 1.59 -9.94 27.84
C TYR B 201 1.76 -9.18 26.53
N GLU B 202 2.57 -9.74 25.63
CA GLU B 202 2.96 -9.07 24.39
C GLU B 202 1.82 -8.85 23.40
N LYS B 203 0.89 -9.80 23.34
CA LYS B 203 -0.23 -9.67 22.41
C LYS B 203 -1.17 -8.54 22.86
N LEU B 204 -1.43 -8.47 24.15
CA LEU B 204 -2.28 -7.41 24.69
C LEU B 204 -1.63 -6.04 24.54
N LEU B 205 -0.33 -5.98 24.78
CA LEU B 205 0.43 -4.75 24.57
C LEU B 205 0.34 -4.31 23.11
N TRP B 206 0.45 -5.28 22.21
CA TRP B 206 0.43 -5.00 20.77
C TRP B 206 -0.95 -4.56 20.28
N THR B 207 -1.99 -5.32 20.62
CA THR B 207 -3.34 -4.96 20.22
C THR B 207 -3.70 -3.60 20.80
N THR B 208 -3.28 -3.37 22.04
CA THR B 208 -3.52 -2.11 22.72
C THR B 208 -2.78 -0.96 22.03
N SER B 209 -1.51 -1.18 21.68
CA SER B 209 -0.74 -0.15 21.01
C SER B 209 -1.38 0.20 19.67
N ARG B 210 -2.03 -0.77 19.05
CA ARG B 210 -2.73 -0.52 17.78
C ARG B 210 -3.93 0.38 17.99
N VAL B 211 -4.66 0.16 19.09
CA VAL B 211 -5.78 1.01 19.45
C VAL B 211 -5.29 2.43 19.72
N LEU B 212 -4.25 2.56 20.53
CA LEU B 212 -3.65 3.85 20.81
C LEU B 212 -3.22 4.52 19.51
N LYS B 213 -2.70 3.73 18.59
CA LYS B 213 -2.29 4.25 17.28
C LYS B 213 -3.47 4.88 16.55
N VAL B 214 -4.60 4.20 16.54
CA VAL B 214 -5.77 4.70 15.83
C VAL B 214 -6.38 5.92 16.54
N LEU B 215 -6.17 6.01 17.85
CA LEU B 215 -6.72 7.11 18.62
C LEU B 215 -5.86 8.36 18.52
N SER B 216 -4.55 8.18 18.44
CA SER B 216 -3.61 9.29 18.41
C SER B 216 -3.82 10.24 17.23
N VAL B 217 -4.60 9.81 16.24
CA VAL B 217 -4.85 10.64 15.08
C VAL B 217 -5.96 11.66 15.32
N CYS B 218 -6.78 11.39 16.34
CA CYS B 218 -7.88 12.29 16.70
C CYS B 218 -7.37 13.51 17.46
N PRO B 219 -7.79 14.71 17.03
CA PRO B 219 -7.33 15.98 17.61
C PRO B 219 -7.67 16.10 19.08
N SER B 220 -8.78 15.51 19.50
CA SER B 220 -9.22 15.60 20.89
C SER B 220 -8.70 14.44 21.74
N ASN B 221 -8.41 13.31 21.09
CA ASN B 221 -7.82 12.17 21.78
C ASN B 221 -6.36 12.39 22.15
N LYS B 222 -5.63 13.06 21.26
CA LYS B 222 -4.20 13.33 21.48
C LYS B 222 -3.92 13.86 22.88
N PRO B 223 -4.57 14.97 23.26
CA PRO B 223 -4.36 15.54 24.60
C PRO B 223 -4.64 14.52 25.70
N ALA B 224 -5.77 13.81 25.57
CA ALA B 224 -6.19 12.86 26.59
C ALA B 224 -5.16 11.76 26.81
N ILE B 225 -4.54 11.29 25.73
CA ILE B 225 -3.53 10.25 25.84
C ILE B 225 -2.24 10.76 26.48
N VAL B 226 -1.82 11.96 26.08
CA VAL B 226 -0.61 12.55 26.63
C VAL B 226 -0.77 12.88 28.11
N GLU B 227 -1.92 13.48 28.45
CA GLU B 227 -2.23 13.84 29.83
C GLU B 227 -2.27 12.61 30.74
N ALA B 228 -2.68 11.48 30.18
CA ALA B 228 -2.79 10.25 30.96
C ALA B 228 -1.44 9.56 31.10
N GLY B 229 -0.44 10.08 30.42
CA GLY B 229 0.90 9.51 30.46
C GLY B 229 1.17 8.59 29.29
N GLY B 230 0.50 8.85 28.17
CA GLY B 230 0.70 8.09 26.96
C GLY B 230 2.13 8.12 26.44
N MET B 231 2.70 9.31 26.35
CA MET B 231 4.07 9.47 25.88
C MET B 231 5.02 8.53 26.62
N GLN B 232 4.98 8.60 27.94
CA GLN B 232 5.89 7.83 28.78
C GLN B 232 5.57 6.34 28.75
N ALA B 233 4.29 6.00 28.72
CA ALA B 233 3.88 4.60 28.75
C ALA B 233 4.27 3.88 27.46
N LEU B 234 4.23 4.61 26.34
CA LEU B 234 4.60 4.04 25.06
C LEU B 234 6.11 4.09 24.88
N GLY B 235 6.73 5.10 25.48
CA GLY B 235 8.18 5.23 25.43
C GLY B 235 8.89 4.08 26.13
N LYS B 236 8.25 3.50 27.14
CA LYS B 236 8.82 2.37 27.86
C LYS B 236 8.87 1.14 26.97
N HIS B 237 8.01 1.11 25.96
CA HIS B 237 7.90 -0.06 25.09
C HIS B 237 8.65 0.10 23.77
N LEU B 238 9.44 1.14 23.65
CA LEU B 238 10.25 1.32 22.46
C LEU B 238 11.42 0.34 22.45
N THR B 239 11.74 -0.22 23.62
CA THR B 239 12.88 -1.11 23.78
C THR B 239 12.51 -2.60 23.78
N SER B 240 11.24 -2.88 23.54
CA SER B 240 10.76 -4.27 23.59
C SER B 240 11.41 -5.16 22.54
N ASN B 241 11.27 -6.46 22.73
CA ASN B 241 11.83 -7.43 21.80
C ASN B 241 10.88 -7.76 20.66
N SER B 242 9.71 -7.14 20.68
CA SER B 242 8.73 -7.31 19.61
C SER B 242 8.68 -6.10 18.70
N PRO B 243 9.29 -6.20 17.51
CA PRO B 243 9.34 -5.10 16.55
C PRO B 243 7.97 -4.49 16.27
N ARG B 244 6.96 -5.31 16.10
CA ARG B 244 5.62 -4.82 15.76
C ARG B 244 5.07 -3.92 16.85
N LEU B 245 5.49 -4.18 18.07
CA LEU B 245 5.09 -3.36 19.21
C LEU B 245 5.84 -2.02 19.21
N VAL B 246 7.15 -2.08 18.96
CA VAL B 246 7.98 -0.88 18.91
C VAL B 246 7.49 0.10 17.84
N GLN B 247 7.09 -0.45 16.70
CA GLN B 247 6.68 0.39 15.58
C GLN B 247 5.30 1.02 15.82
N ASN B 248 4.42 0.27 16.46
CA ASN B 248 3.09 0.77 16.80
C ASN B 248 3.18 1.90 17.82
N CYS B 249 4.13 1.77 18.74
CA CYS B 249 4.37 2.80 19.74
C CYS B 249 4.96 4.05 19.11
N LEU B 250 5.92 3.86 18.21
CA LEU B 250 6.52 4.98 17.48
C LEU B 250 5.49 5.72 16.62
N TRP B 251 4.65 4.97 15.94
CA TRP B 251 3.59 5.58 15.15
C TRP B 251 2.79 6.50 16.04
N THR B 252 2.45 5.99 17.23
CA THR B 252 1.63 6.73 18.18
C THR B 252 2.35 7.93 18.79
N LEU B 253 3.58 7.70 19.24
CA LEU B 253 4.39 8.79 19.81
C LEU B 253 4.56 9.93 18.82
N ARG B 254 4.79 9.59 17.56
CA ARG B 254 4.95 10.61 16.52
C ARG B 254 3.65 11.38 16.33
N ASN B 255 2.54 10.66 16.39
CA ASN B 255 1.22 11.27 16.25
C ASN B 255 0.90 12.20 17.41
N LEU B 256 1.35 11.82 18.61
CA LEU B 256 1.07 12.59 19.80
C LEU B 256 2.10 13.69 20.04
N SER B 257 3.22 13.59 19.34
CA SER B 257 4.36 14.47 19.60
C SER B 257 4.08 15.96 19.46
N ASP B 258 3.05 16.33 18.71
CA ASP B 258 2.74 17.74 18.51
C ASP B 258 1.96 18.34 19.70
N VAL B 259 1.67 17.51 20.69
CA VAL B 259 0.92 17.92 21.87
C VAL B 259 1.77 17.71 23.13
N ALA B 260 2.88 17.01 22.97
CA ALA B 260 3.76 16.71 24.09
C ALA B 260 4.92 17.69 24.20
N THR B 261 4.85 18.80 23.48
CA THR B 261 5.95 19.76 23.47
C THR B 261 6.15 20.41 24.84
N LYS B 262 5.23 20.15 25.75
CA LYS B 262 5.30 20.69 27.10
C LYS B 262 5.20 19.56 28.12
N GLN B 263 5.58 18.36 27.71
CA GLN B 263 5.42 17.17 28.56
C GLN B 263 6.55 17.02 29.59
N GLU B 264 6.34 16.11 30.54
CA GLU B 264 7.20 15.99 31.71
C GLU B 264 7.99 14.68 31.72
N GLY B 265 9.24 14.75 32.17
CA GLY B 265 10.07 13.56 32.33
C GLY B 265 10.11 12.63 31.12
N LEU B 266 10.52 13.17 29.98
CA LEU B 266 10.64 12.38 28.76
C LEU B 266 12.10 12.16 28.40
N GLU B 267 12.94 12.07 29.44
CA GLU B 267 14.38 11.96 29.24
C GLU B 267 14.74 10.63 28.60
N SER B 268 14.24 9.54 29.18
CA SER B 268 14.51 8.19 28.68
C SER B 268 13.99 8.00 27.26
N VAL B 269 12.83 8.57 26.96
CA VAL B 269 12.22 8.46 25.64
C VAL B 269 13.07 9.14 24.56
N LEU B 270 13.41 10.40 24.81
CA LEU B 270 14.25 11.15 23.88
C LEU B 270 15.60 10.46 23.67
N LYS B 271 16.13 9.92 24.76
CA LYS B 271 17.42 9.25 24.71
C LYS B 271 17.39 8.08 23.74
N ILE B 272 16.27 7.36 23.69
CA ILE B 272 16.15 6.22 22.80
C ILE B 272 15.60 6.61 21.43
N LEU B 273 14.98 7.78 21.34
CA LEU B 273 14.55 8.30 20.05
C LEU B 273 15.77 8.71 19.24
N VAL B 274 16.76 9.25 19.93
CA VAL B 274 18.02 9.60 19.29
C VAL B 274 18.80 8.33 18.97
N ASN B 275 18.69 7.34 19.83
CA ASN B 275 19.28 6.03 19.57
C ASN B 275 18.66 5.39 18.34
N GLN B 276 17.38 5.67 18.09
CA GLN B 276 16.68 5.08 16.97
C GLN B 276 16.96 5.78 15.65
N LEU B 277 17.68 6.89 15.70
CA LEU B 277 18.08 7.59 14.49
C LEU B 277 19.22 6.85 13.78
N SER B 278 19.74 5.81 14.42
CA SER B 278 20.84 5.04 13.86
C SER B 278 20.34 3.68 13.40
N VAL B 279 19.26 3.21 14.02
CA VAL B 279 18.63 1.97 13.60
C VAL B 279 18.41 1.98 12.10
N ASP B 280 18.66 0.85 11.46
CA ASP B 280 18.59 0.73 10.00
C ASP B 280 17.16 0.69 9.46
N ASP B 281 16.22 0.23 10.28
CA ASP B 281 14.82 0.19 9.89
C ASP B 281 14.33 1.59 9.51
N VAL B 282 13.98 1.76 8.23
CA VAL B 282 13.62 3.08 7.70
C VAL B 282 12.44 3.72 8.42
N ASN B 283 11.36 2.96 8.59
CA ASN B 283 10.17 3.48 9.26
C ASN B 283 10.45 3.93 10.69
N VAL B 284 11.32 3.19 11.37
CA VAL B 284 11.77 3.58 12.70
C VAL B 284 12.52 4.90 12.62
N LEU B 285 13.54 4.93 11.78
CA LEU B 285 14.34 6.13 11.55
C LEU B 285 13.45 7.34 11.23
N THR B 286 12.36 7.10 10.51
CA THR B 286 11.48 8.18 10.07
C THR B 286 10.52 8.66 11.15
N CYS B 287 10.06 7.74 12.00
CA CYS B 287 9.18 8.10 13.10
C CYS B 287 9.96 8.78 14.21
N ALA B 288 11.14 8.25 14.50
CA ALA B 288 12.01 8.83 15.52
C ALA B 288 12.49 10.23 15.12
N THR B 289 12.84 10.39 13.85
CA THR B 289 13.29 11.70 13.36
C THR B 289 12.13 12.70 13.37
N GLY B 290 10.91 12.19 13.18
CA GLY B 290 9.73 13.02 13.17
C GLY B 290 9.32 13.42 14.57
N THR B 291 9.22 12.42 15.44
CA THR B 291 8.83 12.66 16.82
C THR B 291 9.80 13.59 17.54
N LEU B 292 11.05 13.62 17.08
CA LEU B 292 12.07 14.50 17.67
C LEU B 292 11.91 15.96 17.25
N SER B 293 11.54 16.18 15.99
CA SER B 293 11.33 17.52 15.47
C SER B 293 10.19 18.22 16.20
N ASN B 294 9.22 17.42 16.66
CA ASN B 294 8.08 17.95 17.36
C ASN B 294 8.36 18.18 18.83
N LEU B 295 9.03 17.22 19.46
CA LEU B 295 9.30 17.29 20.89
C LEU B 295 10.30 18.39 21.23
N THR B 296 11.05 18.85 20.23
CA THR B 296 12.03 19.91 20.45
C THR B 296 11.52 21.26 19.99
N CYS B 297 10.22 21.34 19.73
CA CYS B 297 9.60 22.60 19.32
C CYS B 297 9.33 23.48 20.53
N ASN B 298 10.03 24.61 20.60
CA ASN B 298 9.90 25.53 21.73
C ASN B 298 9.98 24.85 23.08
N ASN B 299 11.01 24.02 23.25
CA ASN B 299 11.26 23.37 24.53
C ASN B 299 12.75 23.32 24.82
N SER B 300 13.29 24.40 25.38
CA SER B 300 14.71 24.49 25.65
C SER B 300 15.23 23.26 26.41
N LYS B 301 14.41 22.68 27.28
CA LYS B 301 14.82 21.51 28.04
C LYS B 301 15.08 20.30 27.13
N ASN B 302 14.10 19.96 26.32
CA ASN B 302 14.25 18.88 25.35
C ASN B 302 15.40 19.19 24.40
N LYS B 303 15.46 20.43 23.92
CA LYS B 303 16.54 20.87 23.04
C LYS B 303 17.91 20.57 23.66
N THR B 304 18.06 20.91 24.93
CA THR B 304 19.33 20.73 25.64
C THR B 304 19.66 19.26 25.84
N LEU B 305 18.66 18.47 26.21
CA LEU B 305 18.86 17.05 26.45
C LEU B 305 19.16 16.29 25.16
N VAL B 306 18.48 16.68 24.08
CA VAL B 306 18.69 16.07 22.78
C VAL B 306 20.10 16.35 22.25
N THR B 307 20.53 17.61 22.36
CA THR B 307 21.88 17.99 21.93
C THR B 307 22.91 17.42 22.88
N GLN B 308 22.46 17.03 24.07
CA GLN B 308 23.34 16.53 25.11
C GLN B 308 23.52 15.02 24.95
N ASN B 309 22.71 14.41 24.09
CA ASN B 309 22.84 13.00 23.78
C ASN B 309 23.24 12.77 22.33
N SER B 310 24.22 13.53 21.86
CA SER B 310 24.75 13.35 20.52
C SER B 310 23.65 13.40 19.46
N GLY B 311 22.61 14.18 19.71
CA GLY B 311 21.48 14.26 18.81
C GLY B 311 21.74 15.03 17.53
N VAL B 312 22.62 16.03 17.59
CA VAL B 312 22.97 16.80 16.40
C VAL B 312 23.76 15.91 15.45
N GLU B 313 24.72 15.17 15.99
CA GLU B 313 25.51 14.22 15.22
C GLU B 313 24.57 13.17 14.64
N ALA B 314 23.64 12.69 15.47
CA ALA B 314 22.70 11.65 15.07
C ALA B 314 21.79 12.11 13.94
N LEU B 315 21.44 13.38 13.96
CA LEU B 315 20.54 13.93 12.94
C LEU B 315 21.25 14.11 11.61
N ILE B 316 22.49 14.55 11.66
CA ILE B 316 23.26 14.73 10.43
C ILE B 316 23.48 13.40 9.73
N HIS B 317 23.79 12.36 10.50
CA HIS B 317 23.98 11.03 9.94
C HIS B 317 22.69 10.49 9.33
N ALA B 318 21.55 11.01 9.79
CA ALA B 318 20.25 10.59 9.27
C ALA B 318 19.93 11.31 7.97
N ILE B 319 20.40 12.55 7.85
CA ILE B 319 20.23 13.32 6.63
C ILE B 319 21.08 12.76 5.50
N LEU B 320 22.24 12.21 5.87
CA LEU B 320 23.19 11.64 4.91
C LEU B 320 22.73 10.27 4.38
N ARG B 321 22.11 9.49 5.24
CA ARG B 321 21.57 8.20 4.85
C ARG B 321 20.27 8.37 4.07
N ALA B 322 19.56 9.48 4.31
CA ALA B 322 18.27 9.72 3.70
C ALA B 322 18.37 10.32 2.30
N GLY B 323 19.24 11.31 2.13
CA GLY B 323 19.42 11.98 0.86
C GLY B 323 18.18 12.72 0.41
N ASP B 324 17.55 12.24 -0.66
CA ASP B 324 16.41 12.92 -1.27
C ASP B 324 15.07 12.60 -0.60
N LYS B 325 15.12 11.93 0.54
CA LYS B 325 13.90 11.57 1.25
C LYS B 325 13.42 12.71 2.15
N ASP B 326 12.46 13.49 1.65
CA ASP B 326 11.92 14.63 2.40
C ASP B 326 11.08 14.17 3.59
N ASP B 327 10.94 12.85 3.73
CA ASP B 327 10.23 12.26 4.86
C ASP B 327 11.14 12.23 6.08
N ILE B 328 12.44 12.22 5.83
CA ILE B 328 13.42 12.21 6.90
C ILE B 328 14.12 13.55 6.98
N THR B 329 14.50 14.09 5.83
CA THR B 329 15.28 15.32 5.77
C THR B 329 14.54 16.49 6.40
N GLU B 330 13.28 16.67 6.06
CA GLU B 330 12.52 17.80 6.58
C GLU B 330 12.45 17.81 8.11
N PRO B 331 11.94 16.73 8.71
CA PRO B 331 11.87 16.66 10.18
C PRO B 331 13.25 16.84 10.80
N ALA B 332 14.27 16.26 10.17
CA ALA B 332 15.63 16.31 10.69
C ALA B 332 16.24 17.72 10.59
N VAL B 333 15.84 18.49 9.58
CA VAL B 333 16.33 19.85 9.42
C VAL B 333 15.58 20.79 10.36
N CYS B 334 14.30 20.49 10.61
CA CYS B 334 13.53 21.22 11.60
C CYS B 334 14.12 20.98 12.98
N ALA B 335 14.43 19.73 13.28
CA ALA B 335 15.00 19.37 14.58
C ALA B 335 16.33 20.05 14.81
N LEU B 336 17.12 20.19 13.75
CA LEU B 336 18.42 20.85 13.84
C LEU B 336 18.28 22.36 14.02
N ARG B 337 17.29 22.93 13.36
CA ARG B 337 17.02 24.36 13.50
C ARG B 337 16.56 24.62 14.92
N HIS B 338 15.80 23.68 15.47
CA HIS B 338 15.35 23.79 16.86
C HIS B 338 16.56 23.77 17.80
N LEU B 339 17.43 22.79 17.61
CA LEU B 339 18.56 22.59 18.51
C LEU B 339 19.60 23.70 18.42
N THR B 340 19.48 24.57 17.44
CA THR B 340 20.49 25.60 17.22
C THR B 340 20.01 26.99 17.63
N SER B 341 18.95 27.03 18.42
CA SER B 341 18.35 28.29 18.81
C SER B 341 17.58 28.17 20.13
N ARG B 342 17.71 29.20 20.96
CA ARG B 342 16.84 29.38 22.12
C ARG B 342 16.93 28.27 23.17
N HIS B 343 18.15 27.93 23.55
CA HIS B 343 18.37 27.04 24.68
C HIS B 343 19.84 27.09 25.08
N PRO B 344 20.13 26.84 26.36
CA PRO B 344 21.46 26.93 26.96
C PRO B 344 22.57 26.30 26.11
N GLU B 345 22.25 25.29 25.32
CA GLU B 345 23.24 24.57 24.55
C GLU B 345 23.13 24.82 23.04
N ALA B 346 22.45 25.90 22.67
CA ALA B 346 22.26 26.22 21.26
C ALA B 346 23.58 26.58 20.59
N GLU B 347 24.39 27.38 21.25
CA GLU B 347 25.68 27.78 20.69
C GLU B 347 26.53 26.54 20.44
N MET B 348 26.29 25.50 21.24
CA MET B 348 27.02 24.25 21.12
C MET B 348 26.60 23.46 19.88
N ALA B 349 25.30 23.35 19.68
CA ALA B 349 24.76 22.64 18.52
C ALA B 349 25.13 23.34 17.22
N GLN B 350 25.20 24.67 17.26
CA GLN B 350 25.58 25.45 16.09
C GLN B 350 26.98 25.07 15.63
N ASN B 351 27.83 24.72 16.59
CA ASN B 351 29.21 24.34 16.30
C ASN B 351 29.36 22.88 15.90
N SER B 352 28.59 22.00 16.55
CA SER B 352 28.69 20.57 16.27
C SER B 352 28.21 20.24 14.85
N VAL B 353 27.23 21.00 14.37
CA VAL B 353 26.75 20.80 13.00
C VAL B 353 27.89 21.01 12.01
N ARG B 354 28.76 21.99 12.31
CA ARG B 354 29.91 22.25 11.46
C ARG B 354 31.01 21.20 11.66
N LEU B 355 31.34 20.92 12.91
CA LEU B 355 32.35 19.92 13.22
C LEU B 355 31.98 18.56 12.65
N ASN B 356 30.69 18.30 12.53
CA ASN B 356 30.21 17.03 12.02
C ASN B 356 29.78 17.12 10.55
N TYR B 357 30.35 18.11 9.84
CA TYR B 357 30.15 18.27 8.41
C TYR B 357 28.70 18.23 7.96
N GLY B 358 27.88 19.09 8.57
CA GLY B 358 26.48 19.20 8.22
C GLY B 358 26.23 20.32 7.24
N ILE B 359 27.16 21.27 7.18
CA ILE B 359 27.04 22.39 6.26
C ILE B 359 26.86 21.93 4.81
N PRO B 360 27.76 21.04 4.33
CA PRO B 360 27.61 20.56 2.96
C PRO B 360 26.24 19.95 2.72
N ALA B 361 25.92 18.91 3.50
CA ALA B 361 24.65 18.22 3.37
C ALA B 361 23.44 19.15 3.45
N ILE B 362 23.43 20.02 4.45
CA ILE B 362 22.29 20.91 4.69
C ILE B 362 22.10 21.94 3.59
N VAL B 363 23.15 22.69 3.27
CA VAL B 363 23.09 23.70 2.21
C VAL B 363 22.52 23.13 0.91
N LYS B 364 23.02 21.96 0.52
CA LYS B 364 22.58 21.31 -0.71
C LYS B 364 21.07 21.11 -0.73
N LEU B 365 20.47 21.02 0.45
CA LEU B 365 19.03 20.81 0.58
C LEU B 365 18.21 22.01 0.10
N LEU B 366 18.90 23.12 -0.18
CA LEU B 366 18.23 24.31 -0.71
C LEU B 366 17.83 24.11 -2.16
N ASN B 367 18.37 23.06 -2.78
CA ASN B 367 18.09 22.78 -4.18
C ASN B 367 17.14 21.60 -4.37
N GLN B 368 16.03 21.62 -3.63
CA GLN B 368 15.01 20.61 -3.78
C GLN B 368 13.83 21.15 -4.58
N PRO B 369 13.34 20.36 -5.54
CA PRO B 369 12.28 20.73 -6.49
C PRO B 369 11.00 21.23 -5.80
N ASN B 370 10.00 20.35 -5.72
CA ASN B 370 8.70 20.73 -5.17
C ASN B 370 8.62 20.58 -3.67
N GLN B 371 9.75 20.69 -2.99
CA GLN B 371 9.77 20.57 -1.55
C GLN B 371 10.14 21.90 -0.89
N TRP B 372 9.21 22.84 -0.92
CA TRP B 372 9.38 24.13 -0.25
C TRP B 372 9.53 24.02 1.26
N PRO B 373 8.65 23.22 1.91
CA PRO B 373 8.74 23.09 3.36
C PRO B 373 10.16 22.78 3.82
N LEU B 374 10.86 21.94 3.06
CA LEU B 374 12.24 21.59 3.38
C LEU B 374 13.18 22.76 3.12
N VAL B 375 12.87 23.56 2.11
CA VAL B 375 13.69 24.71 1.77
C VAL B 375 13.51 25.81 2.82
N LYS B 376 12.27 26.09 3.16
CA LYS B 376 11.96 27.08 4.21
C LYS B 376 12.62 26.67 5.53
N ALA B 377 12.51 25.40 5.88
CA ALA B 377 13.12 24.86 7.09
C ALA B 377 14.64 24.96 7.04
N THR B 378 15.22 24.70 5.87
CA THR B 378 16.66 24.74 5.72
C THR B 378 17.17 26.17 5.81
N ILE B 379 16.43 27.10 5.24
CA ILE B 379 16.81 28.51 5.31
C ILE B 379 16.89 28.96 6.77
N GLY B 380 15.85 28.63 7.53
CA GLY B 380 15.82 28.95 8.95
C GLY B 380 16.99 28.34 9.69
N LEU B 381 17.29 27.08 9.38
CA LEU B 381 18.43 26.40 9.97
C LEU B 381 19.72 27.13 9.64
N ILE B 382 19.86 27.56 8.39
CA ILE B 382 21.04 28.29 7.97
C ILE B 382 21.20 29.57 8.77
N ARG B 383 20.11 30.30 8.95
CA ARG B 383 20.15 31.52 9.74
C ARG B 383 20.73 31.28 11.14
N ASN B 384 20.22 30.26 11.82
CA ASN B 384 20.74 29.91 13.14
C ASN B 384 22.23 29.59 13.07
N LEU B 385 22.61 28.81 12.08
CA LEU B 385 24.01 28.44 11.91
C LEU B 385 24.87 29.68 11.65
N ALA B 386 24.28 30.68 11.01
CA ALA B 386 24.99 31.92 10.71
C ALA B 386 25.24 32.73 11.97
N LEU B 387 24.51 32.40 13.04
CA LEU B 387 24.72 33.08 14.33
C LEU B 387 26.14 32.83 14.82
N CYS B 388 26.59 31.58 14.71
CA CYS B 388 27.94 31.20 15.07
C CYS B 388 28.94 31.77 14.07
N PRO B 389 29.86 32.63 14.55
CA PRO B 389 30.87 33.27 13.71
C PRO B 389 31.74 32.27 12.94
N ALA B 390 31.88 31.06 13.48
CA ALA B 390 32.74 30.05 12.86
C ALA B 390 32.10 29.39 11.66
N ASN B 391 30.83 29.71 11.43
CA ASN B 391 30.09 29.12 10.32
C ASN B 391 30.02 30.04 9.11
N HIS B 392 30.42 31.30 9.29
CA HIS B 392 30.35 32.27 8.20
C HIS B 392 31.14 31.83 6.98
N ALA B 393 32.33 31.28 7.21
CA ALA B 393 33.15 30.77 6.11
C ALA B 393 32.56 29.49 5.52
N PRO B 394 32.40 28.43 6.35
CA PRO B 394 31.85 27.16 5.89
C PRO B 394 30.63 27.36 5.01
N LEU B 395 29.80 28.34 5.36
CA LEU B 395 28.60 28.63 4.60
C LEU B 395 28.90 29.28 3.25
N GLN B 396 29.85 30.21 3.24
CA GLN B 396 30.26 30.83 1.99
C GLN B 396 30.94 29.82 1.09
N GLU B 397 31.48 28.76 1.70
CA GLU B 397 32.11 27.68 0.96
C GLU B 397 31.06 26.88 0.18
N ALA B 398 29.90 26.70 0.79
CA ALA B 398 28.82 25.94 0.16
C ALA B 398 27.96 26.83 -0.74
N ALA B 399 28.46 28.03 -1.00
CA ALA B 399 27.77 28.97 -1.89
C ALA B 399 26.33 29.23 -1.47
N VAL B 400 26.11 29.46 -0.19
CA VAL B 400 24.78 29.71 0.34
C VAL B 400 24.26 31.09 -0.08
N ILE B 401 25.15 32.09 -0.05
CA ILE B 401 24.76 33.44 -0.42
C ILE B 401 24.15 33.51 -1.82
N PRO B 402 24.80 32.88 -2.81
CA PRO B 402 24.24 32.83 -4.16
C PRO B 402 22.87 32.15 -4.16
N ARG B 403 22.80 30.92 -3.67
CA ARG B 403 21.55 30.18 -3.67
C ARG B 403 20.45 30.92 -2.93
N LEU B 404 20.81 31.62 -1.86
CA LEU B 404 19.83 32.37 -1.08
C LEU B 404 19.24 33.53 -1.87
N VAL B 405 20.11 34.35 -2.47
CA VAL B 405 19.66 35.50 -3.25
C VAL B 405 18.86 35.06 -4.47
N GLN B 406 19.15 33.86 -4.96
CA GLN B 406 18.38 33.29 -6.06
C GLN B 406 16.96 32.98 -5.61
N LEU B 407 16.83 32.38 -4.43
CA LEU B 407 15.52 32.13 -3.83
C LEU B 407 14.82 33.45 -3.53
N LEU B 408 15.61 34.42 -3.09
CA LEU B 408 15.10 35.73 -2.72
C LEU B 408 14.44 36.44 -3.90
N VAL B 409 15.22 36.65 -4.96
CA VAL B 409 14.70 37.35 -6.13
C VAL B 409 13.44 36.68 -6.65
N LYS B 410 13.52 35.37 -6.88
CA LYS B 410 12.38 34.61 -7.37
C LYS B 410 11.14 34.82 -6.51
N ALA B 411 11.27 34.59 -5.21
CA ALA B 411 10.15 34.73 -4.30
C ALA B 411 9.61 36.15 -4.24
N HIS B 412 10.44 37.12 -4.62
CA HIS B 412 10.04 38.53 -4.60
C HIS B 412 9.26 38.91 -5.85
N GLN B 413 9.56 38.22 -6.96
CA GLN B 413 8.81 38.42 -8.19
C GLN B 413 7.39 37.90 -8.01
N ASP B 414 7.28 36.63 -7.59
CA ASP B 414 6.00 35.99 -7.37
C ASP B 414 5.19 36.72 -6.31
N ALA B 415 5.87 37.40 -5.40
CA ALA B 415 5.22 38.16 -4.35
C ALA B 415 4.69 39.49 -4.90
N GLN B 416 5.58 40.27 -5.52
CA GLN B 416 5.20 41.54 -6.13
C GLN B 416 4.12 41.32 -7.20
N ARG B 417 4.00 40.07 -7.65
CA ARG B 417 2.99 39.70 -8.63
C ARG B 417 1.60 39.63 -7.99
N HIS B 418 1.42 38.67 -7.08
CA HIS B 418 0.14 38.47 -6.42
C HIS B 418 -0.27 39.69 -5.59
N THR B 428 3.65 25.18 -3.71
CA THR B 428 3.82 25.68 -2.35
C THR B 428 2.97 24.92 -1.33
N ASP B 429 3.58 23.91 -0.73
CA ASP B 429 2.92 23.07 0.27
C ASP B 429 2.66 23.86 1.54
N GLY B 430 1.70 24.78 1.48
CA GLY B 430 1.35 25.59 2.64
C GLY B 430 2.38 26.67 2.93
N VAL B 431 3.44 26.66 2.14
CA VAL B 431 4.53 27.63 2.30
C VAL B 431 4.25 28.89 1.48
N ARG B 432 4.12 30.03 2.16
CA ARG B 432 3.87 31.29 1.49
C ARG B 432 5.17 31.95 1.05
N MET B 433 5.20 32.45 -0.17
CA MET B 433 6.42 33.08 -0.72
C MET B 433 6.88 34.28 0.11
N GLU B 434 5.94 34.92 0.80
CA GLU B 434 6.25 36.07 1.65
C GLU B 434 7.24 35.64 2.72
N GLU B 435 7.02 34.44 3.26
CA GLU B 435 7.87 33.88 4.31
C GLU B 435 9.25 33.50 3.80
N ILE B 436 9.36 33.26 2.49
CA ILE B 436 10.65 32.92 1.90
C ILE B 436 11.50 34.17 1.74
N VAL B 437 10.87 35.28 1.38
CA VAL B 437 11.57 36.55 1.29
C VAL B 437 12.13 36.92 2.66
N GLU B 438 11.32 36.70 3.68
CA GLU B 438 11.75 36.96 5.04
C GLU B 438 12.87 36.02 5.44
N GLY B 439 12.71 34.74 5.08
CA GLY B 439 13.72 33.74 5.40
C GLY B 439 15.07 34.07 4.81
N CYS B 440 15.10 34.34 3.51
CA CYS B 440 16.34 34.63 2.81
C CYS B 440 16.96 35.94 3.30
N THR B 441 16.16 36.99 3.34
CA THR B 441 16.63 38.29 3.83
C THR B 441 17.08 38.18 5.27
N GLY B 442 16.45 37.29 6.03
CA GLY B 442 16.78 37.07 7.43
C GLY B 442 18.09 36.32 7.61
N ALA B 443 18.33 35.34 6.75
CA ALA B 443 19.59 34.61 6.77
C ALA B 443 20.70 35.50 6.22
N LEU B 444 20.36 36.33 5.24
CA LEU B 444 21.31 37.25 4.64
C LEU B 444 21.70 38.34 5.62
N HIS B 445 20.75 38.72 6.47
CA HIS B 445 21.01 39.72 7.51
C HIS B 445 22.06 39.22 8.52
N ILE B 446 22.01 37.93 8.83
CA ILE B 446 22.97 37.35 9.76
C ILE B 446 24.30 37.08 9.06
N LEU B 447 24.24 36.53 7.86
CA LEU B 447 25.44 36.21 7.09
C LEU B 447 26.22 37.47 6.73
N ALA B 448 25.52 38.59 6.66
CA ALA B 448 26.16 39.87 6.32
C ALA B 448 26.94 40.43 7.50
N ARG B 449 27.09 39.63 8.56
CA ARG B 449 27.93 40.01 9.68
C ARG B 449 29.39 39.85 9.27
N ASP B 450 29.66 38.81 8.49
CA ASP B 450 31.01 38.57 7.99
C ASP B 450 31.29 39.47 6.79
N PRO B 451 32.42 40.19 6.83
CA PRO B 451 32.82 41.15 5.79
C PRO B 451 32.84 40.56 4.39
N MET B 452 33.49 39.40 4.22
CA MET B 452 33.58 38.76 2.92
C MET B 452 32.21 38.41 2.36
N ASN B 453 31.27 38.12 3.26
CA ASN B 453 29.90 37.81 2.86
C ASN B 453 29.15 39.07 2.42
N ARG B 454 29.58 40.22 2.92
CA ARG B 454 28.97 41.49 2.52
C ARG B 454 29.34 41.84 1.10
N MET B 455 30.56 41.50 0.70
CA MET B 455 31.00 41.73 -0.67
C MET B 455 30.14 40.93 -1.64
N GLU B 456 30.04 39.62 -1.42
CA GLU B 456 29.23 38.76 -2.28
C GLU B 456 27.81 39.29 -2.40
N ILE B 457 27.22 39.65 -1.27
CA ILE B 457 25.86 40.16 -1.25
C ILE B 457 25.75 41.46 -2.05
N PHE B 458 26.78 42.29 -1.96
CA PHE B 458 26.78 43.57 -2.66
C PHE B 458 27.11 43.43 -4.14
N ARG B 459 27.92 42.42 -4.47
CA ARG B 459 28.25 42.14 -5.87
C ARG B 459 27.04 41.60 -6.60
N LEU B 460 26.13 40.96 -5.87
CA LEU B 460 24.94 40.37 -6.45
C LEU B 460 23.87 41.43 -6.73
N ASN B 461 24.23 42.70 -6.61
CA ASN B 461 23.31 43.80 -6.86
C ASN B 461 22.01 43.65 -6.07
N THR B 462 22.12 43.21 -4.82
CA THR B 462 20.95 42.93 -3.99
C THR B 462 20.43 44.16 -3.29
N ILE B 463 21.21 45.23 -3.29
CA ILE B 463 20.84 46.45 -2.60
C ILE B 463 19.52 47.04 -3.09
N PRO B 464 19.36 47.18 -4.41
CA PRO B 464 18.10 47.71 -4.93
C PRO B 464 16.90 46.92 -4.38
N LEU B 465 17.03 45.60 -4.37
CA LEU B 465 15.98 44.73 -3.85
C LEU B 465 15.69 45.01 -2.38
N PHE B 466 16.73 44.96 -1.55
CA PHE B 466 16.57 45.21 -0.12
C PHE B 466 15.90 46.55 0.15
N VAL B 467 16.30 47.58 -0.60
CA VAL B 467 15.74 48.91 -0.45
C VAL B 467 14.24 48.90 -0.75
N GLN B 468 13.83 48.05 -1.68
CA GLN B 468 12.41 47.94 -2.01
C GLN B 468 11.64 47.33 -0.85
N LEU B 469 12.18 46.26 -0.27
CA LEU B 469 11.52 45.55 0.83
C LEU B 469 11.19 46.46 2.00
N LEU B 470 11.93 47.56 2.13
CA LEU B 470 11.68 48.54 3.17
C LEU B 470 10.28 49.10 3.05
N TYR B 471 9.71 49.00 1.86
CA TYR B 471 8.36 49.48 1.61
C TYR B 471 7.34 48.42 1.97
N SER B 472 7.80 47.22 2.31
CA SER B 472 6.90 46.12 2.63
C SER B 472 5.98 46.45 3.79
N SER B 473 4.78 45.86 3.75
CA SER B 473 3.82 46.01 4.82
C SER B 473 4.16 45.06 5.96
N VAL B 474 4.83 43.96 5.64
CA VAL B 474 5.21 42.96 6.63
C VAL B 474 6.30 43.52 7.54
N GLU B 475 5.97 43.68 8.82
CA GLU B 475 6.92 44.16 9.82
C GLU B 475 8.18 43.31 9.79
N ASN B 476 8.00 42.00 9.93
CA ASN B 476 9.11 41.06 9.93
C ASN B 476 10.02 41.22 8.71
N ILE B 477 9.45 41.62 7.58
CA ILE B 477 10.22 41.86 6.37
C ILE B 477 11.04 43.13 6.51
N GLN B 478 10.39 44.22 6.88
CA GLN B 478 11.07 45.51 7.06
C GLN B 478 12.25 45.41 8.02
N ARG B 479 12.10 44.61 9.08
CA ARG B 479 13.14 44.49 10.09
C ARG B 479 14.40 43.83 9.52
N VAL B 480 14.25 42.65 8.94
CA VAL B 480 15.39 41.93 8.35
C VAL B 480 15.95 42.68 7.16
N ALA B 481 15.10 43.44 6.48
CA ALA B 481 15.53 44.26 5.35
C ALA B 481 16.40 45.44 5.80
N ALA B 482 15.87 46.22 6.74
CA ALA B 482 16.63 47.35 7.29
C ALA B 482 17.87 46.86 8.02
N GLY B 483 17.84 45.60 8.44
CA GLY B 483 18.96 45.00 9.15
C GLY B 483 20.12 44.68 8.22
N VAL B 484 19.82 43.94 7.14
CA VAL B 484 20.86 43.60 6.17
C VAL B 484 21.45 44.85 5.51
N LEU B 485 20.63 45.89 5.36
CA LEU B 485 21.11 47.17 4.86
C LEU B 485 22.00 47.83 5.92
N CYS B 486 21.56 47.73 7.16
CA CYS B 486 22.31 48.27 8.30
C CYS B 486 23.75 47.75 8.33
N GLU B 487 23.89 46.42 8.32
CA GLU B 487 25.21 45.80 8.34
C GLU B 487 25.92 46.00 7.01
N LEU B 488 25.16 46.37 5.99
CA LEU B 488 25.69 46.52 4.64
C LEU B 488 26.28 47.91 4.47
N ALA B 489 25.68 48.89 5.13
CA ALA B 489 26.12 50.27 5.06
C ALA B 489 27.38 50.51 5.89
N GLN B 490 27.84 49.46 6.57
CA GLN B 490 29.05 49.54 7.36
C GLN B 490 30.25 49.90 6.49
N ASP B 491 30.10 49.68 5.19
CA ASP B 491 31.14 50.03 4.22
C ASP B 491 30.66 51.16 3.31
N LYS B 492 31.56 52.08 2.99
CA LYS B 492 31.19 53.26 2.21
C LYS B 492 30.73 52.92 0.78
N GLU B 493 31.46 52.02 0.11
CA GLU B 493 31.12 51.64 -1.24
C GLU B 493 29.68 51.15 -1.34
N ALA B 494 29.29 50.28 -0.42
CA ALA B 494 27.94 49.74 -0.39
C ALA B 494 26.94 50.81 0.06
N ALA B 495 27.40 51.70 0.93
CA ALA B 495 26.57 52.79 1.44
C ALA B 495 26.20 53.76 0.32
N ASP B 496 27.16 54.09 -0.52
CA ASP B 496 26.91 54.97 -1.66
C ASP B 496 25.74 54.43 -2.46
N ALA B 497 25.81 53.15 -2.80
CA ALA B 497 24.75 52.49 -3.56
C ALA B 497 23.41 52.61 -2.85
N ILE B 498 23.42 52.42 -1.54
CA ILE B 498 22.18 52.48 -0.76
C ILE B 498 21.58 53.88 -0.75
N ASP B 499 22.44 54.89 -0.69
CA ASP B 499 22.00 56.28 -0.72
C ASP B 499 21.41 56.62 -2.09
N ALA B 500 22.12 56.22 -3.14
CA ALA B 500 21.71 56.52 -4.51
C ALA B 500 20.41 55.81 -4.90
N GLU B 501 20.14 54.68 -4.27
CA GLU B 501 18.96 53.88 -4.59
C GLU B 501 17.68 54.51 -4.02
N GLY B 502 17.85 55.59 -3.27
CA GLY B 502 16.73 56.32 -2.71
C GLY B 502 16.25 55.76 -1.38
N ALA B 503 17.11 54.98 -0.73
CA ALA B 503 16.76 54.37 0.56
C ALA B 503 16.72 55.42 1.65
N SER B 504 17.32 56.58 1.37
CA SER B 504 17.43 57.67 2.33
C SER B 504 16.09 58.08 2.92
N ALA B 505 15.02 57.90 2.15
CA ALA B 505 13.68 58.32 2.58
C ALA B 505 12.95 57.29 3.44
N PRO B 506 12.83 56.04 2.94
CA PRO B 506 12.04 55.02 3.65
C PRO B 506 12.53 54.77 5.07
N LEU B 507 13.85 54.82 5.26
CA LEU B 507 14.44 54.64 6.57
C LEU B 507 13.95 55.71 7.54
N MET B 508 13.84 56.94 7.04
CA MET B 508 13.33 58.06 7.83
C MET B 508 11.94 57.77 8.38
N GLU B 509 11.13 57.06 7.60
CA GLU B 509 9.76 56.76 8.00
C GLU B 509 9.65 55.46 8.80
N LEU B 510 10.77 54.76 8.93
CA LEU B 510 10.80 53.54 9.74
C LEU B 510 11.21 53.87 11.18
N LEU B 511 11.80 55.05 11.37
CA LEU B 511 12.16 55.53 12.69
C LEU B 511 10.95 55.59 13.62
N HIS B 512 9.76 55.57 13.02
CA HIS B 512 8.52 55.61 13.78
C HIS B 512 7.98 54.19 14.02
N SER B 513 8.74 53.18 13.64
CA SER B 513 8.27 51.80 13.80
C SER B 513 8.05 51.42 15.25
N ARG B 514 6.86 50.89 15.53
CA ARG B 514 6.53 50.44 16.88
C ARG B 514 7.42 49.25 17.28
N ASN B 515 7.98 48.59 16.27
CA ASN B 515 9.00 47.58 16.50
C ASN B 515 10.35 48.28 16.64
N GLU B 516 10.73 48.59 17.87
CA GLU B 516 11.96 49.32 18.14
C GLU B 516 13.17 48.65 17.50
N GLY B 517 13.05 47.34 17.28
CA GLY B 517 14.09 46.58 16.60
C GLY B 517 14.39 47.15 15.23
N THR B 518 13.41 47.12 14.34
CA THR B 518 13.60 47.65 12.99
C THR B 518 13.86 49.15 13.04
N ALA B 519 13.17 49.84 13.94
CA ALA B 519 13.39 51.27 14.14
C ALA B 519 14.87 51.56 14.31
N THR B 520 15.53 50.76 15.14
CA THR B 520 16.96 50.90 15.38
C THR B 520 17.77 50.71 14.11
N TYR B 521 17.45 49.63 13.38
CA TYR B 521 18.13 49.35 12.13
C TYR B 521 18.00 50.51 11.15
N ALA B 522 16.78 51.04 11.04
CA ALA B 522 16.52 52.18 10.18
C ALA B 522 17.46 53.34 10.50
N ALA B 523 17.50 53.73 11.78
CA ALA B 523 18.35 54.82 12.22
C ALA B 523 19.81 54.54 11.88
N ALA B 524 20.27 53.32 12.17
CA ALA B 524 21.65 52.95 11.92
C ALA B 524 22.04 53.15 10.45
N VAL B 525 21.18 52.72 9.53
CA VAL B 525 21.47 52.87 8.11
C VAL B 525 21.68 54.34 7.74
N LEU B 526 20.72 55.17 8.13
CA LEU B 526 20.79 56.61 7.85
C LEU B 526 22.07 57.23 8.39
N PHE B 527 22.55 56.71 9.51
CA PHE B 527 23.74 57.23 10.17
C PHE B 527 25.02 56.83 9.46
N ARG B 528 24.94 55.82 8.60
CA ARG B 528 26.13 55.32 7.91
C ARG B 528 26.21 55.81 6.47
N ILE B 529 25.07 56.20 5.91
CA ILE B 529 25.03 56.71 4.54
C ILE B 529 25.34 58.20 4.48
N SER B 530 25.58 58.79 5.64
CA SER B 530 25.99 60.19 5.73
C SER B 530 27.35 60.28 6.40
N GLU B 531 28.22 59.32 6.09
CA GLU B 531 29.53 59.21 6.73
C GLU B 531 30.55 60.21 6.16
N ASP B 532 30.81 60.12 4.86
CA ASP B 532 31.71 61.05 4.19
C ASP B 532 30.94 61.97 3.25
N LYS B 533 29.61 61.89 3.31
CA LYS B 533 28.75 62.69 2.45
C LYS B 533 28.64 64.12 2.97
N LYS B 539 23.75 65.57 9.33
CA LYS B 539 23.23 66.14 10.56
C LYS B 539 21.70 66.27 10.52
N ARG B 540 21.16 66.60 9.36
CA ARG B 540 19.72 66.75 9.20
C ARG B 540 18.97 65.50 9.63
N VAL B 541 19.64 64.37 9.58
CA VAL B 541 19.05 63.09 9.99
C VAL B 541 19.00 62.99 11.51
N SER B 542 20.05 63.47 12.16
CA SER B 542 20.13 63.44 13.62
C SER B 542 19.03 64.26 14.27
N VAL B 543 18.77 65.44 13.71
CA VAL B 543 17.71 66.30 14.22
C VAL B 543 16.37 65.57 14.16
N GLU B 544 16.13 64.86 13.08
CA GLU B 544 14.89 64.12 12.89
C GLU B 544 14.66 63.08 14.00
N LEU B 545 15.77 62.55 14.52
CA LEU B 545 15.69 61.49 15.51
C LEU B 545 15.57 62.04 16.93
N THR B 546 16.31 63.11 17.21
CA THR B 546 16.25 63.73 18.53
C THR B 546 15.04 64.64 18.68
N ASN B 547 14.95 65.66 17.85
CA ASN B 547 13.86 66.64 17.90
C ASN B 547 12.50 66.10 17.50
N SER B 548 12.02 65.13 18.26
CA SER B 548 10.70 64.57 18.05
C SER B 548 10.10 64.18 19.39
N LEU B 549 8.97 64.79 19.73
CA LEU B 549 8.29 64.47 20.97
C LEU B 549 7.73 63.06 20.94
N PHE B 550 7.16 62.68 19.80
CA PHE B 550 6.53 61.37 19.68
C PHE B 550 7.07 60.62 18.45
N VAL C 7 -9.47 -12.03 -8.74
CA VAL C 7 -8.85 -13.23 -9.30
C VAL C 7 -9.89 -14.21 -9.85
N THR C 8 -9.82 -14.44 -11.16
CA THR C 8 -10.73 -15.37 -11.82
C THR C 8 -10.16 -16.78 -11.86
N ARG C 9 -10.89 -17.73 -11.30
CA ARG C 9 -10.42 -19.11 -11.23
C ARG C 9 -11.13 -20.01 -12.23
N ASN C 10 -10.36 -20.63 -13.12
CA ASN C 10 -10.92 -21.50 -14.15
C ASN C 10 -10.18 -22.83 -14.25
N ASP C 11 -10.92 -23.93 -14.22
CA ASP C 11 -10.34 -25.23 -14.49
C ASP C 11 -10.27 -25.49 -16.00
N VAL C 12 -9.18 -26.11 -16.43
CA VAL C 12 -9.02 -26.44 -17.84
C VAL C 12 -8.93 -27.95 -18.02
N ALA C 13 -9.83 -28.51 -18.81
CA ALA C 13 -9.84 -29.95 -19.05
C ALA C 13 -8.67 -30.34 -19.94
N PRO C 14 -8.02 -31.48 -19.64
CA PRO C 14 -6.89 -31.96 -20.41
C PRO C 14 -7.33 -32.54 -21.76
N THR C 15 -7.60 -31.67 -22.73
CA THR C 15 -8.13 -32.09 -24.01
C THR C 15 -7.09 -32.84 -24.86
N LEU C 16 -5.82 -32.51 -24.67
CA LEU C 16 -4.75 -33.16 -25.41
C LEU C 16 -4.42 -34.53 -24.82
N MET C 17 -5.28 -35.03 -23.93
CA MET C 17 -5.09 -36.33 -23.32
C MET C 17 -6.08 -37.34 -23.88
N SER C 18 -5.58 -38.53 -24.22
CA SER C 18 -6.40 -39.57 -24.82
C SER C 18 -7.05 -40.47 -23.76
N VAL C 19 -8.32 -40.80 -23.95
CA VAL C 19 -9.03 -41.70 -23.05
C VAL C 19 -8.34 -43.06 -23.02
N PRO C 20 -8.43 -43.75 -21.88
CA PRO C 20 -7.81 -45.08 -21.78
C PRO C 20 -8.49 -46.06 -22.73
N GLN C 21 -7.90 -47.23 -22.91
CA GLN C 21 -8.43 -48.22 -23.84
C GLN C 21 -8.86 -49.49 -23.13
N TYR C 22 -10.14 -49.81 -23.25
CA TYR C 22 -10.71 -50.96 -22.57
C TYR C 22 -10.92 -52.15 -23.50
N ARG C 23 -10.61 -53.35 -22.99
CA ARG C 23 -10.85 -54.57 -23.74
C ARG C 23 -12.34 -54.78 -23.97
N PRO C 24 -12.71 -55.31 -25.15
CA PRO C 24 -14.10 -55.66 -25.43
C PRO C 24 -14.58 -56.74 -24.46
N ARG C 25 -15.90 -56.99 -24.44
CA ARG C 25 -16.51 -57.87 -23.44
C ARG C 25 -16.75 -59.30 -23.93
N PRO C 26 -16.23 -60.28 -23.19
CA PRO C 26 -16.38 -61.70 -23.54
C PRO C 26 -17.81 -62.19 -23.34
N ALA C 27 -18.03 -63.49 -23.50
CA ALA C 27 -19.33 -64.08 -23.27
C ALA C 27 -19.29 -65.02 -22.07
N ASN C 28 -18.31 -65.92 -22.06
CA ASN C 28 -18.14 -66.87 -20.96
C ASN C 28 -17.89 -66.17 -19.64
N PRO C 29 -18.80 -66.33 -18.68
CA PRO C 29 -18.66 -65.74 -17.34
C PRO C 29 -17.39 -66.22 -16.62
N ASP C 30 -16.60 -67.05 -17.29
CA ASP C 30 -15.33 -67.50 -16.74
C ASP C 30 -14.22 -66.53 -17.09
N GLU C 31 -14.40 -65.83 -18.21
CA GLU C 31 -13.41 -64.89 -18.70
C GLU C 31 -13.69 -63.49 -18.16
N ILE C 32 -14.91 -63.28 -17.69
CA ILE C 32 -15.31 -62.00 -17.12
C ILE C 32 -14.39 -61.64 -15.95
N GLY C 33 -13.88 -62.68 -15.28
CA GLY C 33 -12.95 -62.49 -14.19
C GLY C 33 -11.71 -61.75 -14.65
N ASN C 34 -11.17 -62.15 -15.81
CA ASN C 34 -10.00 -61.51 -16.38
C ASN C 34 -10.37 -60.20 -17.07
N PHE C 35 -11.56 -60.15 -17.63
CA PHE C 35 -12.05 -58.94 -18.28
C PHE C 35 -12.09 -57.77 -17.30
N ILE C 36 -12.77 -57.96 -16.18
CA ILE C 36 -12.84 -56.95 -15.13
C ILE C 36 -11.45 -56.56 -14.62
N ASP C 37 -10.61 -57.58 -14.39
CA ASP C 37 -9.26 -57.34 -13.89
C ASP C 37 -8.37 -56.63 -14.91
N GLU C 38 -8.70 -56.78 -16.19
CA GLU C 38 -7.94 -56.11 -17.24
C GLU C 38 -8.39 -54.67 -17.42
N ASN C 39 -9.67 -54.49 -17.70
CA ASN C 39 -10.21 -53.15 -17.88
C ASN C 39 -9.96 -52.26 -16.67
N LEU C 40 -9.92 -52.88 -15.49
CA LEU C 40 -9.68 -52.16 -14.26
C LEU C 40 -8.34 -51.44 -14.32
N LYS C 41 -7.34 -52.11 -14.88
CA LYS C 41 -6.01 -51.54 -15.02
C LYS C 41 -6.03 -50.30 -15.92
N ALA C 42 -7.01 -50.24 -16.83
CA ALA C 42 -7.13 -49.10 -17.73
C ALA C 42 -7.79 -47.91 -17.03
N ALA C 43 -8.84 -48.18 -16.27
CA ALA C 43 -9.57 -47.13 -15.55
C ALA C 43 -8.69 -46.43 -14.51
N ASP C 44 -7.65 -47.14 -14.05
CA ASP C 44 -6.74 -46.60 -13.04
C ASP C 44 -5.69 -45.67 -13.65
N SER C 45 -5.53 -45.75 -14.97
CA SER C 45 -4.63 -44.86 -15.67
C SER C 45 -5.42 -43.99 -16.63
N ASP C 46 -6.40 -43.27 -16.10
CA ASP C 46 -7.26 -42.43 -16.91
C ASP C 46 -6.98 -40.94 -16.65
N PRO C 47 -6.13 -40.34 -17.49
CA PRO C 47 -5.76 -38.93 -17.41
C PRO C 47 -6.96 -38.02 -17.70
N THR C 48 -7.98 -38.57 -18.34
CA THR C 48 -9.19 -37.82 -18.65
C THR C 48 -9.93 -37.43 -17.39
N ALA C 49 -9.71 -38.21 -16.33
CA ALA C 49 -10.38 -37.99 -15.06
C ALA C 49 -9.67 -36.93 -14.22
N PRO C 50 -10.46 -36.15 -13.46
CA PRO C 50 -10.02 -35.09 -12.54
C PRO C 50 -9.03 -35.60 -11.50
N PRO C 51 -8.32 -34.69 -10.81
CA PRO C 51 -8.42 -33.23 -10.92
C PRO C 51 -7.96 -32.68 -12.26
N TYR C 52 -8.36 -31.45 -12.56
CA TYR C 52 -7.91 -30.76 -13.76
C TYR C 52 -6.98 -29.62 -13.35
N ASP C 53 -6.00 -29.32 -14.21
CA ASP C 53 -5.14 -28.17 -13.98
C ASP C 53 -5.99 -26.91 -14.08
N SER C 54 -5.67 -25.89 -13.28
CA SER C 54 -6.48 -24.68 -13.29
C SER C 54 -5.70 -23.44 -13.70
N LEU C 55 -6.41 -22.37 -14.01
CA LEU C 55 -5.80 -21.09 -14.35
C LEU C 55 -6.18 -20.02 -13.34
N LEU C 56 -5.24 -19.14 -13.04
CA LEU C 56 -5.50 -18.03 -12.12
C LEU C 56 -5.29 -16.71 -12.87
N VAL C 57 -6.39 -16.10 -13.30
CA VAL C 57 -6.31 -14.88 -14.08
C VAL C 57 -5.92 -13.70 -13.20
N PHE C 58 -4.80 -13.06 -13.53
CA PHE C 58 -4.35 -11.89 -12.79
C PHE C 58 -4.47 -10.66 -13.69
N ASP C 59 -4.71 -9.51 -13.06
CA ASP C 59 -4.84 -8.26 -13.80
C ASP C 59 -4.40 -7.07 -12.95
N TYR C 60 -3.23 -7.20 -12.32
CA TYR C 60 -2.71 -6.14 -11.45
C TYR C 60 -2.15 -4.97 -12.26
N GLU C 61 -2.86 -3.84 -12.22
CA GLU C 61 -2.51 -2.68 -13.03
C GLU C 61 -1.61 -1.69 -12.31
N GLY C 62 -1.22 -2.01 -11.07
CA GLY C 62 -0.43 -1.10 -10.28
C GLY C 62 -1.28 -0.14 -9.47
N GLY C 64 -0.38 3.64 -9.57
CA GLY C 64 -0.27 4.97 -10.16
C GLY C 64 0.95 5.75 -9.71
N GLU C 66 4.38 7.80 -10.06
CA GLU C 66 4.82 8.78 -11.04
C GLU C 66 6.32 8.71 -11.28
N ALA C 67 6.71 8.46 -12.52
CA ALA C 67 8.11 8.47 -12.91
C ALA C 67 8.56 9.91 -13.10
N ALA C 68 9.46 10.37 -12.25
CA ALA C 68 9.85 11.77 -12.25
C ALA C 68 11.34 11.99 -12.40
N SER C 69 12.08 10.92 -12.65
CA SER C 69 13.53 11.02 -12.77
C SER C 69 14.02 10.65 -14.16
N LEU C 70 13.27 11.04 -15.18
CA LEU C 70 13.70 10.82 -16.56
C LEU C 70 14.57 11.98 -17.02
N SER C 72 16.65 14.75 -19.15
CA SER C 72 16.16 15.62 -20.21
C SER C 72 16.87 15.41 -21.55
N LEU C 73 16.24 15.89 -22.61
CA LEU C 73 16.79 15.78 -23.96
C LEU C 73 17.60 17.01 -24.32
N ASN C 74 17.74 17.92 -23.36
CA ASN C 74 18.35 19.22 -23.59
C ASN C 74 19.84 19.18 -23.99
N SER C 75 20.23 20.10 -24.86
CA SER C 75 21.61 20.21 -25.30
C SER C 75 22.04 21.67 -25.38
N ASP C 81 23.79 32.68 -29.28
CA ASP C 81 24.67 32.85 -28.13
C ASP C 81 24.02 33.72 -27.06
N GLN C 82 24.40 34.99 -27.01
CA GLN C 82 23.96 35.87 -25.94
C GLN C 82 23.44 37.22 -26.44
N ASP C 83 24.02 37.70 -27.55
CA ASP C 83 23.73 39.04 -28.05
C ASP C 83 22.52 39.12 -28.97
N TYR C 84 21.81 40.25 -28.91
CA TYR C 84 20.65 40.50 -29.76
C TYR C 84 20.96 41.57 -30.80
N ASP C 85 22.23 41.75 -31.11
CA ASP C 85 22.67 42.82 -32.01
C ASP C 85 22.09 42.70 -33.41
N TYR C 86 21.59 41.52 -33.75
CA TYR C 86 21.03 41.26 -35.07
C TYR C 86 19.74 42.05 -35.34
N LEU C 87 19.14 42.56 -34.27
CA LEU C 87 17.88 43.30 -34.40
C LEU C 87 18.08 44.59 -35.20
N ASN C 88 19.25 45.21 -35.03
CA ASN C 88 19.55 46.47 -35.68
C ASN C 88 19.52 46.38 -37.21
N GLU C 89 19.68 45.16 -37.73
CA GLU C 89 19.66 44.95 -39.18
C GLU C 89 18.42 44.18 -39.63
N TRP C 90 17.34 44.29 -38.87
CA TRP C 90 16.08 43.65 -39.23
C TRP C 90 15.03 44.67 -39.64
N GLY C 91 15.49 45.90 -39.86
CA GLY C 91 14.63 46.95 -40.39
C GLY C 91 13.73 47.63 -39.38
N ASN C 92 12.89 48.53 -39.87
CA ASN C 92 12.01 49.35 -39.04
C ASN C 92 11.07 48.54 -38.14
N ARG C 93 10.62 47.40 -38.63
CA ARG C 93 9.66 46.57 -37.89
C ARG C 93 10.15 46.31 -36.46
N PHE C 94 11.45 46.24 -36.28
CA PHE C 94 12.04 45.87 -35.00
C PHE C 94 12.85 46.99 -34.37
N LYS C 95 12.69 48.21 -34.87
CA LYS C 95 13.36 49.37 -34.30
C LYS C 95 13.06 49.47 -32.80
N LYS C 96 11.78 49.37 -32.45
CA LYS C 96 11.36 49.46 -31.06
C LYS C 96 12.10 48.47 -30.18
N LEU C 97 12.41 47.29 -30.73
CA LEU C 97 13.08 46.25 -29.98
C LEU C 97 14.61 46.32 -30.06
N ALA C 98 15.11 47.04 -31.06
CA ALA C 98 16.54 47.23 -31.22
C ALA C 98 17.08 48.16 -30.15
N ASP C 99 16.45 49.32 -30.03
CA ASP C 99 16.85 50.30 -29.02
C ASP C 99 16.67 49.73 -27.62
N MET C 100 15.85 48.68 -27.52
CA MET C 100 15.47 48.13 -26.23
C MET C 100 16.44 47.05 -25.74
N TYR C 101 16.73 46.08 -26.59
CA TYR C 101 17.62 44.99 -26.23
C TYR C 101 19.03 45.18 -26.77
N GLY C 102 19.27 44.65 -27.97
CA GLY C 102 20.58 44.75 -28.59
C GLY C 102 20.76 46.02 -29.39
N GLY C 103 21.73 46.83 -28.99
CA GLY C 103 22.04 48.06 -29.70
C GLY C 103 22.44 49.18 -28.77
N GLY C 104 22.80 50.32 -29.36
CA GLY C 104 23.21 51.48 -28.61
C GLY C 104 22.65 52.78 -29.18
N VAL D 7 0.11 16.66 5.23
CA VAL D 7 0.53 16.96 6.59
C VAL D 7 0.51 18.47 6.85
N THR D 8 -0.18 18.88 7.91
CA THR D 8 -0.29 20.29 8.26
C THR D 8 0.95 20.78 8.99
N ARG D 9 1.42 21.97 8.63
CA ARG D 9 2.64 22.54 9.19
C ARG D 9 2.37 23.88 9.86
N ASN D 10 2.81 24.01 11.10
CA ASN D 10 2.55 25.21 11.89
C ASN D 10 3.79 25.75 12.59
N ASP D 11 4.01 27.04 12.48
CA ASP D 11 5.09 27.70 13.20
C ASP D 11 4.63 28.11 14.60
N VAL D 12 5.51 27.92 15.58
CA VAL D 12 5.19 28.28 16.96
C VAL D 12 6.03 29.46 17.46
N ALA D 13 5.35 30.56 17.76
CA ALA D 13 6.00 31.73 18.33
C ALA D 13 6.78 31.33 19.58
N PRO D 14 8.00 31.87 19.74
CA PRO D 14 8.89 31.54 20.85
C PRO D 14 8.20 31.72 22.20
N THR D 15 8.44 30.80 23.12
CA THR D 15 7.76 30.78 24.41
C THR D 15 8.60 31.37 25.53
N LEU D 16 8.02 32.31 26.27
CA LEU D 16 8.68 32.95 27.41
C LEU D 16 10.11 33.41 27.12
N MET D 17 10.37 33.82 25.88
CA MET D 17 11.67 34.35 25.52
C MET D 17 11.80 35.79 25.99
N SER D 18 13.01 36.14 26.44
CA SER D 18 13.27 37.47 26.97
C SER D 18 13.30 38.55 25.88
N VAL D 19 12.24 39.35 25.81
CA VAL D 19 12.14 40.44 24.87
C VAL D 19 13.26 41.46 25.05
N PRO D 20 13.83 41.95 23.94
CA PRO D 20 14.89 42.97 23.97
C PRO D 20 14.39 44.32 24.49
N GLN D 21 14.97 44.76 25.60
CA GLN D 21 14.63 46.06 26.16
C GLN D 21 15.55 47.14 25.60
N TYR D 22 14.96 48.23 25.12
CA TYR D 22 15.72 49.27 24.45
C TYR D 22 15.92 50.50 25.33
N ARG D 23 17.00 51.23 25.04
CA ARG D 23 17.34 52.43 25.77
C ARG D 23 16.49 53.60 25.28
N PRO D 24 16.01 54.43 26.23
CA PRO D 24 15.28 55.65 25.88
C PRO D 24 16.11 56.53 24.94
N ARG D 25 15.42 57.37 24.18
CA ARG D 25 16.08 58.22 23.20
C ARG D 25 16.79 59.38 23.90
N PRO D 26 18.05 59.63 23.50
CA PRO D 26 18.78 60.76 24.08
C PRO D 26 18.23 62.08 23.55
N ALA D 27 18.52 63.17 24.25
CA ALA D 27 18.06 64.49 23.81
C ALA D 27 19.17 65.25 23.08
N ASN D 28 20.41 64.86 23.34
CA ASN D 28 21.56 65.46 22.66
C ASN D 28 22.12 64.59 21.53
N PRO D 29 22.62 65.23 20.46
CA PRO D 29 23.13 64.57 19.25
C PRO D 29 24.38 63.71 19.49
N ASP D 30 25.28 64.17 20.33
CA ASP D 30 26.55 63.47 20.55
C ASP D 30 26.39 62.06 21.11
N GLU D 31 25.27 61.80 21.79
CA GLU D 31 25.02 60.47 22.32
C GLU D 31 24.09 59.66 21.44
N ILE D 32 23.76 60.21 20.28
CA ILE D 32 22.87 59.51 19.35
C ILE D 32 23.57 58.30 18.73
N GLY D 33 24.88 58.40 18.57
CA GLY D 33 25.65 57.29 18.01
C GLY D 33 25.69 56.14 19.00
N ASN D 34 26.07 56.48 20.23
CA ASN D 34 26.09 55.50 21.32
C ASN D 34 24.71 54.88 21.53
N PHE D 35 23.68 55.70 21.39
CA PHE D 35 22.29 55.24 21.51
C PHE D 35 22.00 54.15 20.48
N ILE D 36 22.36 54.43 19.22
CA ILE D 36 22.15 53.47 18.14
C ILE D 36 22.92 52.19 18.39
N ASP D 37 24.16 52.32 18.84
CA ASP D 37 25.00 51.17 19.14
C ASP D 37 24.37 50.30 20.24
N GLU D 38 23.96 50.94 21.33
CA GLU D 38 23.38 50.20 22.45
C GLU D 38 22.14 49.45 22.01
N ASN D 39 21.21 50.16 21.40
CA ASN D 39 19.96 49.56 20.95
C ASN D 39 20.15 48.60 19.78
N LEU D 40 21.26 48.73 19.07
CA LEU D 40 21.58 47.81 17.99
C LEU D 40 21.80 46.41 18.56
N LYS D 41 22.47 46.34 19.71
CA LYS D 41 22.78 45.06 20.34
C LYS D 41 21.55 44.33 20.85
N ALA D 42 20.57 45.08 21.35
CA ALA D 42 19.32 44.49 21.79
C ALA D 42 18.59 43.86 20.59
N ALA D 43 18.58 44.59 19.48
CA ALA D 43 17.91 44.14 18.26
C ALA D 43 18.56 42.89 17.66
N ASP D 44 19.88 42.89 17.57
CA ASP D 44 20.63 41.79 16.96
C ASP D 44 20.53 40.51 17.77
N SER D 45 19.92 40.60 18.95
CA SER D 45 19.81 39.44 19.82
C SER D 45 18.37 39.22 20.24
N ASP D 46 17.44 39.63 19.37
CA ASP D 46 16.02 39.50 19.64
C ASP D 46 15.58 38.05 19.50
N PRO D 47 15.26 37.39 20.62
CA PRO D 47 14.82 35.99 20.62
C PRO D 47 13.38 35.84 20.14
N THR D 48 12.61 36.93 20.10
CA THR D 48 11.22 36.86 19.65
C THR D 48 11.16 36.84 18.13
N ALA D 49 12.23 37.29 17.50
CA ALA D 49 12.29 37.35 16.04
C ALA D 49 12.54 35.98 15.44
N PRO D 50 11.92 35.71 14.27
CA PRO D 50 12.09 34.47 13.49
C PRO D 50 13.56 34.13 13.27
N PRO D 51 13.87 32.87 12.90
CA PRO D 51 12.89 31.83 12.56
C PRO D 51 12.25 31.22 13.79
N TYR D 52 10.98 30.87 13.69
CA TYR D 52 10.29 30.20 14.78
C TYR D 52 10.43 28.69 14.65
N ASP D 53 10.36 27.99 15.77
CA ASP D 53 10.30 26.55 15.75
C ASP D 53 9.00 26.14 15.08
N SER D 54 8.96 24.92 14.55
CA SER D 54 7.78 24.47 13.82
C SER D 54 7.24 23.16 14.38
N LEU D 55 5.98 22.88 14.03
CA LEU D 55 5.35 21.61 14.35
C LEU D 55 4.96 20.89 13.08
N LEU D 56 4.95 19.57 13.12
CA LEU D 56 4.48 18.75 12.00
C LEU D 56 3.44 17.77 12.50
N VAL D 57 2.17 18.12 12.38
CA VAL D 57 1.10 17.33 12.94
C VAL D 57 0.91 16.00 12.20
N PHE D 58 1.50 14.95 12.75
CA PHE D 58 1.37 13.61 12.18
C PHE D 58 0.03 12.98 12.57
N ASP D 59 -0.51 12.17 11.68
CA ASP D 59 -1.80 11.52 11.91
C ASP D 59 -1.92 10.21 11.15
N TYR D 60 -0.88 9.38 11.24
CA TYR D 60 -0.89 8.06 10.63
C TYR D 60 -1.84 7.15 11.38
N GLU D 61 -2.96 6.80 10.75
CA GLU D 61 -3.98 5.99 11.40
C GLU D 61 -3.83 4.50 11.07
N GLY D 62 -2.60 4.07 10.83
CA GLY D 62 -2.33 2.69 10.52
C GLY D 62 -2.85 2.29 9.14
N GLY D 64 -5.30 -0.58 8.88
CA GLY D 64 -6.37 -1.52 9.12
C GLY D 64 -5.92 -2.97 8.99
N GLU D 66 -5.30 -6.81 10.25
CA GLU D 66 -6.18 -7.69 11.00
C GLU D 66 -5.45 -8.38 12.14
N ALA D 67 -6.11 -8.49 13.29
CA ALA D 67 -5.53 -9.11 14.48
C ALA D 67 -5.06 -10.54 14.20
N ALA D 68 -3.75 -10.75 14.23
CA ALA D 68 -3.17 -12.03 13.89
C ALA D 68 -3.13 -13.01 15.06
N SER D 69 -3.97 -14.06 14.96
CA SER D 69 -3.95 -15.15 15.92
C SER D 69 -3.89 -14.71 17.37
N LEU D 70 -5.01 -14.22 17.90
CA LEU D 70 -5.11 -13.91 19.31
C LEU D 70 -5.54 -15.16 20.07
N SER D 72 -7.33 -17.76 22.29
CA SER D 72 -8.75 -17.88 22.62
C SER D 72 -8.95 -18.05 24.12
N LEU D 73 -10.16 -17.72 24.58
CA LEU D 73 -10.47 -17.75 26.00
C LEU D 73 -11.04 -19.10 26.42
N ASN D 74 -11.38 -19.94 25.45
CA ASN D 74 -11.94 -21.25 25.72
C ASN D 74 -11.18 -22.36 25.00
N SER D 78 -11.02 -29.66 23.80
CA SER D 78 -11.47 -30.59 24.83
C SER D 78 -12.65 -31.42 24.34
N ASP D 79 -12.43 -32.72 24.16
CA ASP D 79 -13.49 -33.61 23.70
C ASP D 79 -13.90 -34.60 24.79
N GLN D 80 -14.90 -34.21 25.58
CA GLN D 80 -15.41 -35.07 26.64
C GLN D 80 -16.54 -35.97 26.15
N ASP D 81 -17.04 -36.82 27.04
CA ASP D 81 -18.16 -37.69 26.72
C ASP D 81 -19.47 -36.91 26.74
N GLN D 82 -20.29 -37.08 25.70
CA GLN D 82 -21.54 -36.37 25.60
C GLN D 82 -22.73 -37.31 25.44
N ASP D 83 -23.33 -37.68 26.56
CA ASP D 83 -24.49 -38.56 26.54
C ASP D 83 -25.68 -37.84 27.16
N TYR D 84 -26.84 -37.97 26.54
CA TYR D 84 -28.03 -37.26 26.97
C TYR D 84 -28.92 -38.10 27.88
N ASP D 85 -28.36 -38.48 29.03
CA ASP D 85 -29.06 -39.32 30.00
C ASP D 85 -30.17 -38.53 30.67
N TYR D 86 -29.91 -37.26 30.94
CA TYR D 86 -30.83 -36.39 31.67
C TYR D 86 -32.19 -36.24 30.99
N LEU D 87 -32.24 -36.46 29.69
CA LEU D 87 -33.48 -36.28 28.93
C LEU D 87 -34.61 -37.17 29.44
N ASN D 88 -34.25 -38.35 29.95
CA ASN D 88 -35.24 -39.32 30.40
C ASN D 88 -35.98 -38.92 31.68
N GLU D 89 -35.44 -37.94 32.40
CA GLU D 89 -36.08 -37.49 33.64
C GLU D 89 -36.51 -36.04 33.57
N TRP D 90 -37.21 -35.67 32.50
CA TRP D 90 -37.75 -34.32 32.37
C TRP D 90 -39.23 -34.31 32.02
N GLY D 91 -39.94 -35.36 32.45
CA GLY D 91 -41.38 -35.40 32.37
C GLY D 91 -41.99 -35.58 31.00
N ASN D 92 -42.84 -34.64 30.61
CA ASN D 92 -43.65 -34.77 29.41
C ASN D 92 -42.96 -34.41 28.09
N ARG D 93 -42.77 -33.11 27.85
CA ARG D 93 -42.36 -32.63 26.53
C ARG D 93 -40.91 -32.93 26.15
N PHE D 94 -40.20 -33.67 26.98
CA PHE D 94 -38.82 -34.04 26.66
C PHE D 94 -38.69 -35.49 26.21
N LYS D 95 -39.77 -36.26 26.33
CA LYS D 95 -39.78 -37.64 25.85
C LYS D 95 -39.72 -37.65 24.32
N LYS D 96 -40.10 -36.53 23.71
CA LYS D 96 -40.01 -36.38 22.27
C LYS D 96 -38.55 -36.39 21.84
N LEU D 97 -37.72 -35.65 22.56
CA LEU D 97 -36.29 -35.62 22.30
C LEU D 97 -35.64 -36.94 22.71
N ALA D 98 -36.16 -37.57 23.77
CA ALA D 98 -35.64 -38.85 24.22
C ALA D 98 -35.85 -39.94 23.17
N ASP D 99 -36.93 -39.80 22.39
CA ASP D 99 -37.21 -40.73 21.31
C ASP D 99 -36.15 -40.60 20.22
N MET D 100 -35.58 -39.42 20.11
CA MET D 100 -34.57 -39.13 19.11
C MET D 100 -33.16 -39.31 19.68
#